data_8K74
#
_entry.id   8K74
#
_cell.length_a   73.235
_cell.length_b   59.614
_cell.length_c   79.715
_cell.angle_alpha   90.00
_cell.angle_beta   98.84
_cell.angle_gamma   90.00
#
_symmetry.space_group_name_H-M   'P 1 21 1'
#
loop_
_entity.id
_entity.type
_entity.pdbx_description
1 polymer 'Alkanal monooxygenase alpha chain'
2 water water
#
_entity_poly.entity_id   1
_entity_poly.type   'polypeptide(L)'
_entity_poly.pdbx_seq_one_letter_code
;MPKRLGFFTRLLDQGSAQTRYRLAAEQIRHAERVGFDSAWIAQHHFHEQEGGLPSPLVFLAHVAAQTDRIRLGTAIITLP
MENPLRVAEDAAVLDLLTDGRLEVGFGSGGTPTSFLPFGLTSEQRGAVFADHLHLIHSAWRGDTLSHPDNHLYPPAPQLA
ARIWIATFSVEGAIRAGQAGHGLMLSRTQPRPPGEPRLPLDAIQNPIIDAYLSALPDGVAPRILASRTAFVADSHAHALQ
VAEPGLRKQAAQHREAGHRIEGDSVTDYLQQLDAHVGDPEHVIASLAQDSVLARATDISFQVHSVEPSHRDTLRSIELIA
QHIAPHIR
;
_entity_poly.pdbx_strand_id   A,B
#
# COMPACT_ATOMS: atom_id res chain seq x y z
N PRO A 2 -12.47 29.71 -5.82
CA PRO A 2 -12.10 29.28 -4.46
C PRO A 2 -11.09 28.13 -4.50
N LYS A 3 -9.83 28.46 -4.32
CA LYS A 3 -8.73 27.55 -4.64
C LYS A 3 -8.30 26.74 -3.43
N ARG A 4 -7.84 25.53 -3.68
CA ARG A 4 -7.39 24.62 -2.63
C ARG A 4 -5.88 24.77 -2.45
N LEU A 5 -5.44 24.82 -1.20
CA LEU A 5 -4.03 25.01 -0.86
C LEU A 5 -3.42 23.67 -0.46
N GLY A 6 -2.30 23.31 -1.08
CA GLY A 6 -1.72 21.98 -0.92
C GLY A 6 -0.30 22.02 -0.40
N PHE A 7 0.05 20.97 0.36
CA PHE A 7 1.43 20.72 0.77
C PHE A 7 1.93 19.53 -0.04
N PHE A 8 3.13 19.66 -0.61
CA PHE A 8 3.69 18.68 -1.52
C PHE A 8 5.04 18.22 -0.98
N THR A 9 5.30 16.92 -0.98
CA THR A 9 6.63 16.45 -0.59
C THR A 9 7.07 15.24 -1.40
N ARG A 10 8.38 15.20 -1.69
CA ARG A 10 9.07 14.05 -2.29
C ARG A 10 9.74 13.17 -1.25
N LEU A 11 9.62 13.53 0.03
CA LEU A 11 10.19 12.82 1.17
C LEU A 11 11.72 12.75 1.08
N LEU A 12 12.32 13.93 1.18
CA LEU A 12 13.76 14.06 1.04
C LEU A 12 14.47 14.63 2.26
N ASP A 13 13.82 14.69 3.42
CA ASP A 13 14.52 15.17 4.61
C ASP A 13 15.78 14.36 4.90
N GLN A 14 16.76 15.02 5.49
CA GLN A 14 17.96 14.32 5.90
C GLN A 14 17.62 13.24 6.91
N GLY A 15 18.04 12.02 6.64
CA GLY A 15 17.80 10.94 7.57
C GLY A 15 17.61 9.62 6.85
N SER A 16 17.51 8.55 7.63
CA SER A 16 17.15 7.24 7.09
C SER A 16 15.72 7.29 6.54
N ALA A 17 15.38 6.25 5.79
CA ALA A 17 14.02 6.20 5.24
C ALA A 17 12.98 6.22 6.35
N GLN A 18 13.22 5.50 7.43
CA GLN A 18 12.21 5.46 8.47
C GLN A 18 12.04 6.83 9.11
N THR A 19 13.15 7.59 9.24
CA THR A 19 13.05 8.96 9.74
C THR A 19 12.35 9.86 8.71
N ARG A 20 12.71 9.74 7.43
CA ARG A 20 12.01 10.53 6.42
C ARG A 20 10.50 10.32 6.48
N TYR A 21 10.06 9.09 6.67
CA TYR A 21 8.63 8.81 6.71
C TYR A 21 7.99 9.42 7.95
N ARG A 22 8.65 9.32 9.10
CA ARG A 22 8.16 9.98 10.29
C ARG A 22 8.05 11.48 10.08
N LEU A 23 9.07 12.09 9.48
CA LEU A 23 9.06 13.54 9.32
C LEU A 23 7.99 13.99 8.33
N ALA A 24 7.82 13.24 7.24
CA ALA A 24 6.78 13.58 6.26
C ALA A 24 5.39 13.44 6.86
N ALA A 25 5.15 12.36 7.62
CA ALA A 25 3.87 12.20 8.30
C ALA A 25 3.61 13.39 9.22
N GLU A 26 4.63 13.81 9.96
CA GLU A 26 4.43 14.94 10.86
C GLU A 26 4.23 16.24 10.07
N GLN A 27 4.90 16.40 8.92
CA GLN A 27 4.68 17.59 8.10
C GLN A 27 3.26 17.63 7.55
N ILE A 28 2.73 16.48 7.13
CA ILE A 28 1.36 16.42 6.63
C ILE A 28 0.36 16.75 7.73
N ARG A 29 0.56 16.19 8.94
CA ARG A 29 -0.36 16.48 10.03
C ARG A 29 -0.34 17.97 10.39
N HIS A 30 0.84 18.60 10.36
CA HIS A 30 0.93 20.02 10.66
C HIS A 30 0.23 20.85 9.59
N ALA A 31 0.41 20.49 8.31
CA ALA A 31 -0.30 21.17 7.24
C ALA A 31 -1.81 21.10 7.44
N GLU A 32 -2.32 19.92 7.79
CA GLU A 32 -3.75 19.84 8.10
C GLU A 32 -4.10 20.74 9.27
N ARG A 33 -3.24 20.77 10.28
CA ARG A 33 -3.52 21.52 11.50
C ARG A 33 -3.61 23.02 11.23
N VAL A 34 -2.79 23.55 10.33
CA VAL A 34 -2.80 24.99 10.06
C VAL A 34 -3.75 25.35 8.91
N GLY A 35 -4.49 24.37 8.40
CA GLY A 35 -5.56 24.66 7.47
C GLY A 35 -5.29 24.41 6.00
N PHE A 36 -4.26 23.62 5.67
CA PHE A 36 -4.12 23.21 4.28
C PHE A 36 -5.27 22.29 3.86
N ASP A 37 -5.67 22.40 2.60
CA ASP A 37 -6.75 21.56 2.08
C ASP A 37 -6.27 20.18 1.65
N SER A 38 -5.03 20.08 1.15
CA SER A 38 -4.58 18.86 0.49
C SER A 38 -3.11 18.61 0.79
N ALA A 39 -2.74 17.34 0.69
CA ALA A 39 -1.34 16.92 0.71
C ALA A 39 -1.09 16.07 -0.53
N TRP A 40 0.11 16.23 -1.11
CA TRP A 40 0.51 15.49 -2.29
C TRP A 40 1.89 14.88 -2.05
N ILE A 41 2.09 13.62 -2.46
CA ILE A 41 3.37 12.95 -2.29
C ILE A 41 3.82 12.34 -3.61
N ALA A 42 5.12 12.36 -3.86
CA ALA A 42 5.66 11.91 -5.14
C ALA A 42 6.28 10.52 -4.99
N GLN A 43 6.10 9.69 -6.01
CA GLN A 43 6.69 8.35 -6.04
C GLN A 43 8.02 8.36 -6.79
N HIS A 44 9.05 7.77 -6.19
CA HIS A 44 10.38 7.67 -6.79
C HIS A 44 11.00 6.35 -6.38
N HIS A 45 11.67 5.69 -7.35
CA HIS A 45 12.30 4.39 -7.13
C HIS A 45 13.82 4.49 -7.16
N PHE A 46 14.47 3.76 -6.24
CA PHE A 46 15.88 3.41 -6.28
C PHE A 46 16.86 4.56 -6.01
N HIS A 47 16.41 5.76 -5.64
CA HIS A 47 17.33 6.90 -5.56
C HIS A 47 16.95 7.79 -4.38
N GLU A 48 17.59 7.54 -3.24
CA GLU A 48 17.52 8.35 -2.02
C GLU A 48 17.57 9.85 -2.27
N GLN A 49 18.33 10.29 -3.28
CA GLN A 49 18.46 11.72 -3.60
C GLN A 49 17.30 12.27 -4.42
N GLU A 50 16.58 11.43 -5.18
CA GLU A 50 15.44 11.89 -5.97
C GLU A 50 14.14 11.92 -5.19
N GLY A 51 13.90 10.89 -4.38
CA GLY A 51 12.73 10.86 -3.52
C GLY A 51 12.83 9.67 -2.57
N GLY A 52 12.22 9.75 -1.39
CA GLY A 52 12.37 8.65 -0.47
C GLY A 52 11.30 7.58 -0.50
N LEU A 53 10.33 7.64 -1.41
CA LEU A 53 9.13 6.83 -1.29
C LEU A 53 8.76 6.15 -2.60
N PRO A 54 8.96 4.82 -2.70
CA PRO A 54 8.44 4.09 -3.87
C PRO A 54 7.00 3.63 -3.73
N SER A 55 6.34 3.84 -2.59
CA SER A 55 5.05 3.22 -2.29
C SER A 55 4.08 4.24 -1.74
N PRO A 56 3.63 5.17 -2.58
CA PRO A 56 2.76 6.25 -2.09
C PRO A 56 1.43 5.76 -1.53
N LEU A 57 0.85 4.70 -2.10
CA LEU A 57 -0.45 4.21 -1.61
C LEU A 57 -0.33 3.60 -0.22
N VAL A 58 0.80 2.94 0.06
CA VAL A 58 1.04 2.41 1.39
C VAL A 58 1.23 3.53 2.40
N PHE A 59 2.06 4.51 2.05
CA PHE A 59 2.34 5.60 2.98
C PHE A 59 1.09 6.43 3.26
N LEU A 60 0.27 6.66 2.22
CA LEU A 60 -0.96 7.43 2.40
C LEU A 60 -1.98 6.70 3.27
N ALA A 61 -2.02 5.36 3.21
CA ALA A 61 -2.89 4.63 4.12
C ALA A 61 -2.50 4.88 5.57
N HIS A 62 -1.20 5.06 5.82
CA HIS A 62 -0.71 5.22 7.18
C HIS A 62 -0.99 6.64 7.68
N VAL A 63 -0.74 7.66 6.85
CA VAL A 63 -1.04 9.02 7.30
C VAL A 63 -2.54 9.28 7.32
N ALA A 64 -3.31 8.57 6.48
CA ALA A 64 -4.77 8.73 6.52
C ALA A 64 -5.31 8.40 7.92
N ALA A 65 -4.73 7.39 8.58
CA ALA A 65 -5.18 7.02 9.92
C ALA A 65 -4.82 8.07 10.96
N GLN A 66 -3.85 8.94 10.67
CA GLN A 66 -3.40 10.00 11.56
C GLN A 66 -4.05 11.34 11.29
N THR A 67 -4.87 11.45 10.25
CA THR A 67 -5.42 12.73 9.81
C THR A 67 -6.92 12.57 9.66
N ASP A 68 -7.60 13.67 9.32
CA ASP A 68 -9.05 13.61 9.33
C ASP A 68 -9.68 14.39 8.18
N ARG A 69 -9.21 15.59 7.94
CA ARG A 69 -9.85 16.47 6.96
C ARG A 69 -9.06 16.57 5.66
N ILE A 70 -7.72 16.57 5.73
CA ILE A 70 -6.91 16.93 4.59
C ILE A 70 -7.03 15.88 3.50
N ARG A 71 -7.17 16.33 2.25
CA ARG A 71 -7.16 15.39 1.14
C ARG A 71 -5.75 14.88 0.85
N LEU A 72 -5.66 13.66 0.34
CA LEU A 72 -4.38 12.96 0.19
C LEU A 72 -4.22 12.51 -1.25
N GLY A 73 -3.14 12.93 -1.90
CA GLY A 73 -2.99 12.68 -3.33
C GLY A 73 -1.60 12.20 -3.71
N THR A 74 -1.57 11.48 -4.84
CA THR A 74 -0.30 11.07 -5.48
C THR A 74 0.03 12.10 -6.54
N ALA A 75 1.27 12.59 -6.54
CA ALA A 75 1.73 13.55 -7.55
C ALA A 75 3.21 13.26 -7.82
N ILE A 76 3.47 12.14 -8.50
CA ILE A 76 2.48 11.24 -9.09
C ILE A 76 2.83 9.77 -8.85
N ILE A 77 1.93 8.88 -9.27
CA ILE A 77 2.26 7.48 -9.48
C ILE A 77 2.84 7.36 -10.89
N THR A 78 4.06 6.82 -11.00
CA THR A 78 4.69 6.59 -12.30
C THR A 78 4.10 5.30 -12.86
N LEU A 79 2.97 5.47 -13.55
CA LEU A 79 2.16 4.34 -14.01
C LEU A 79 2.89 3.34 -14.91
N PRO A 80 3.82 3.71 -15.79
CA PRO A 80 4.51 2.68 -16.59
C PRO A 80 5.31 1.69 -15.76
N MET A 81 5.69 2.06 -14.53
CA MET A 81 6.45 1.20 -13.61
C MET A 81 5.53 0.51 -12.62
N GLU A 82 4.38 0.03 -13.07
CA GLU A 82 3.38 -0.54 -12.17
C GLU A 82 2.76 -1.76 -12.84
N ASN A 83 2.25 -2.69 -12.02
CA ASN A 83 1.21 -3.60 -12.50
C ASN A 83 -0.10 -2.84 -12.34
N PRO A 84 -0.77 -2.48 -13.44
CA PRO A 84 -1.90 -1.54 -13.34
C PRO A 84 -3.08 -2.08 -12.56
N LEU A 85 -3.39 -3.38 -12.64
CA LEU A 85 -4.51 -3.91 -11.87
C LEU A 85 -4.27 -3.79 -10.37
N ARG A 86 -3.03 -4.04 -9.94
CA ARG A 86 -2.71 -3.93 -8.53
C ARG A 86 -2.80 -2.48 -8.07
N VAL A 87 -2.41 -1.52 -8.92
CA VAL A 87 -2.65 -0.11 -8.59
C VAL A 87 -4.14 0.16 -8.45
N ALA A 88 -4.93 -0.32 -9.42
CA ALA A 88 -6.37 -0.12 -9.37
C ALA A 88 -6.94 -0.64 -8.06
N GLU A 89 -6.52 -1.85 -7.64
CA GLU A 89 -6.95 -2.42 -6.37
C GLU A 89 -6.49 -1.59 -5.18
N ASP A 90 -5.18 -1.33 -5.07
CA ASP A 90 -4.68 -0.59 -3.91
C ASP A 90 -5.39 0.76 -3.78
N ALA A 91 -5.61 1.47 -4.89
CA ALA A 91 -6.25 2.78 -4.80
C ALA A 91 -7.71 2.65 -4.40
N ALA A 92 -8.40 1.63 -4.90
CA ALA A 92 -9.79 1.41 -4.50
C ALA A 92 -9.90 1.12 -3.00
N VAL A 93 -8.96 0.35 -2.45
CA VAL A 93 -8.97 0.07 -1.02
C VAL A 93 -8.62 1.34 -0.25
N LEU A 94 -7.58 2.05 -0.69
CA LEU A 94 -7.11 3.24 0.01
C LEU A 94 -8.21 4.30 0.10
N ASP A 95 -8.93 4.54 -1.00
CA ASP A 95 -9.94 5.58 -0.94
C ASP A 95 -10.96 5.28 0.14
N LEU A 96 -11.37 4.03 0.28
CA LEU A 96 -12.27 3.64 1.36
C LEU A 96 -11.63 3.87 2.72
N LEU A 97 -10.35 3.49 2.87
CA LEU A 97 -9.66 3.74 4.13
C LEU A 97 -9.59 5.22 4.47
N THR A 98 -9.47 6.08 3.45
CA THR A 98 -9.41 7.51 3.72
C THR A 98 -10.78 8.15 3.83
N ASP A 99 -11.86 7.38 3.66
CA ASP A 99 -13.21 7.96 3.61
C ASP A 99 -13.34 8.98 2.48
N GLY A 100 -12.85 8.62 1.29
CA GLY A 100 -13.06 9.43 0.12
C GLY A 100 -12.20 10.66 0.00
N ARG A 101 -10.99 10.66 0.57
CA ARG A 101 -10.11 11.83 0.50
C ARG A 101 -9.02 11.69 -0.55
N LEU A 102 -8.98 10.57 -1.27
CA LEU A 102 -7.89 10.27 -2.19
C LEU A 102 -8.02 11.04 -3.50
N GLU A 103 -6.87 11.52 -3.99
CA GLU A 103 -6.73 12.07 -5.33
C GLU A 103 -5.65 11.26 -6.04
N VAL A 104 -5.90 10.83 -7.28
CA VAL A 104 -4.99 9.88 -7.92
C VAL A 104 -4.34 10.57 -9.10
N GLY A 105 -3.11 11.05 -8.91
CA GLY A 105 -2.34 11.64 -9.99
C GLY A 105 -1.39 10.61 -10.59
N PHE A 106 -1.31 10.62 -11.92
CA PHE A 106 -0.48 9.71 -12.69
C PHE A 106 0.48 10.50 -13.57
N GLY A 107 1.70 9.98 -13.72
CA GLY A 107 2.63 10.53 -14.68
C GLY A 107 3.41 9.41 -15.33
N SER A 108 4.03 9.75 -16.46
CA SER A 108 4.74 8.75 -17.27
C SER A 108 6.24 8.80 -17.07
N GLY A 109 6.80 10.01 -17.07
CA GLY A 109 8.23 10.18 -17.12
C GLY A 109 8.92 9.64 -15.89
N GLY A 110 10.24 9.77 -15.90
CA GLY A 110 11.05 9.33 -14.79
C GLY A 110 12.49 9.16 -15.24
N THR A 111 13.32 8.85 -14.29
CA THR A 111 14.72 8.61 -14.55
C THR A 111 14.84 7.40 -15.48
N PRO A 112 15.50 7.53 -16.64
CA PRO A 112 15.48 6.44 -17.62
C PRO A 112 15.90 5.09 -17.07
N THR A 113 16.98 5.03 -16.27
CA THR A 113 17.44 3.73 -15.75
C THR A 113 16.43 3.09 -14.79
N SER A 114 15.51 3.85 -14.21
CA SER A 114 14.51 3.25 -13.33
C SER A 114 13.46 2.44 -14.05
N PHE A 115 13.29 2.59 -15.37
CA PHE A 115 12.29 1.80 -16.08
C PHE A 115 12.75 0.35 -16.27
N LEU A 116 14.07 0.14 -16.36
CA LEU A 116 14.59 -1.16 -16.79
C LEU A 116 14.17 -2.30 -15.87
N PRO A 117 14.19 -2.16 -14.54
CA PRO A 117 13.69 -3.24 -13.67
C PRO A 117 12.22 -3.58 -13.87
N PHE A 118 11.46 -2.75 -14.57
CA PHE A 118 10.04 -3.02 -14.76
C PHE A 118 9.72 -3.51 -16.16
N GLY A 119 10.74 -3.87 -16.93
CA GLY A 119 10.51 -4.50 -18.21
C GLY A 119 10.17 -3.57 -19.34
N LEU A 120 10.65 -2.33 -19.28
CA LEU A 120 10.41 -1.41 -20.39
C LEU A 120 11.53 -0.39 -20.35
N THR A 121 11.59 0.42 -21.39
CA THR A 121 12.53 1.53 -21.43
C THR A 121 11.76 2.84 -21.40
N SER A 122 12.50 3.92 -21.07
CA SER A 122 11.96 5.27 -21.09
C SER A 122 11.25 5.58 -22.40
N GLU A 123 11.82 5.15 -23.54
CA GLU A 123 11.19 5.40 -24.83
C GLU A 123 9.82 4.76 -24.98
N GLN A 124 9.52 3.71 -24.22
CA GLN A 124 8.21 3.05 -24.29
C GLN A 124 7.20 3.63 -23.30
N ARG A 125 7.57 4.66 -22.54
CA ARG A 125 6.77 5.05 -21.37
C ARG A 125 5.39 5.57 -21.78
N GLY A 126 5.30 6.28 -22.91
CA GLY A 126 4.03 6.89 -23.29
C GLY A 126 2.98 5.87 -23.68
N ALA A 127 3.38 4.89 -24.50
CA ALA A 127 2.44 3.85 -24.91
C ALA A 127 2.02 2.99 -23.71
N VAL A 128 2.96 2.65 -22.85
CA VAL A 128 2.62 1.84 -21.68
C VAL A 128 1.70 2.62 -20.74
N PHE A 129 1.99 3.91 -20.53
CA PHE A 129 1.09 4.80 -19.78
C PHE A 129 -0.36 4.69 -20.25
N ALA A 130 -0.59 4.87 -21.55
CA ALA A 130 -1.94 4.86 -22.08
C ALA A 130 -2.59 3.51 -21.90
N ASP A 131 -1.84 2.41 -22.07
CA ASP A 131 -2.42 1.08 -21.86
C ASP A 131 -2.79 0.86 -20.40
N HIS A 132 -1.90 1.25 -19.49
CA HIS A 132 -2.15 1.05 -18.06
C HIS A 132 -3.31 1.90 -17.57
N LEU A 133 -3.35 3.16 -18.00
CA LEU A 133 -4.45 4.05 -17.63
C LEU A 133 -5.77 3.50 -18.10
N HIS A 134 -5.79 2.91 -19.30
CA HIS A 134 -7.01 2.33 -19.83
C HIS A 134 -7.45 1.14 -18.98
N LEU A 135 -6.50 0.30 -18.58
CA LEU A 135 -6.85 -0.86 -17.75
C LEU A 135 -7.38 -0.42 -16.40
N ILE A 136 -6.74 0.57 -15.78
CA ILE A 136 -7.21 1.04 -14.48
C ILE A 136 -8.63 1.59 -14.61
N HIS A 137 -8.84 2.45 -15.62
CA HIS A 137 -10.16 3.04 -15.82
C HIS A 137 -11.23 1.97 -15.98
N SER A 138 -10.96 0.95 -16.79
CA SER A 138 -11.90 -0.16 -16.98
C SER A 138 -12.15 -0.90 -15.67
N ALA A 139 -11.09 -1.15 -14.90
CA ALA A 139 -11.23 -1.88 -13.64
C ALA A 139 -12.13 -1.11 -12.67
N TRP A 140 -11.86 0.19 -12.50
CA TRP A 140 -12.67 1.00 -11.59
C TRP A 140 -14.11 1.11 -12.07
N ARG A 141 -14.34 1.10 -13.38
CA ARG A 141 -15.70 1.14 -13.92
C ARG A 141 -16.48 -0.13 -13.61
N GLY A 142 -15.81 -1.23 -13.28
CA GLY A 142 -16.46 -2.48 -13.03
C GLY A 142 -16.52 -3.44 -14.21
N ASP A 143 -15.76 -3.19 -15.27
CA ASP A 143 -15.72 -4.12 -16.39
C ASP A 143 -15.10 -5.44 -15.96
N THR A 144 -15.32 -6.48 -16.77
CA THR A 144 -14.73 -7.77 -16.49
C THR A 144 -13.23 -7.69 -16.76
N LEU A 145 -12.47 -8.48 -16.01
CA LEU A 145 -11.01 -8.43 -16.01
C LEU A 145 -10.51 -9.78 -16.54
N SER A 146 -10.33 -9.85 -17.86
CA SER A 146 -9.83 -11.05 -18.56
C SER A 146 -10.70 -12.30 -18.41
N HIS A 147 -11.84 -12.19 -17.76
CA HIS A 147 -12.74 -13.32 -17.59
C HIS A 147 -14.06 -12.83 -16.99
N PRO A 148 -15.19 -13.44 -17.35
CA PRO A 148 -16.48 -12.91 -16.88
C PRO A 148 -16.69 -13.01 -15.36
N ASP A 149 -16.02 -13.90 -14.64
CA ASP A 149 -16.21 -13.91 -13.18
C ASP A 149 -15.29 -12.99 -12.43
N ASN A 150 -14.46 -12.20 -13.12
CA ASN A 150 -13.52 -11.27 -12.49
C ASN A 150 -14.03 -9.83 -12.63
N HIS A 151 -14.49 -9.26 -11.52
CA HIS A 151 -14.74 -7.83 -11.39
C HIS A 151 -13.96 -7.31 -10.19
N LEU A 152 -13.45 -6.08 -10.29
CA LEU A 152 -12.67 -5.50 -9.20
C LEU A 152 -13.45 -5.47 -7.89
N TYR A 153 -12.82 -5.95 -6.82
CA TYR A 153 -13.32 -5.80 -5.45
C TYR A 153 -12.24 -5.16 -4.61
N PRO A 154 -12.53 -4.06 -3.87
CA PRO A 154 -13.83 -3.39 -3.72
C PRO A 154 -14.13 -2.58 -4.95
N PRO A 155 -15.41 -2.29 -5.24
CA PRO A 155 -15.71 -1.40 -6.35
C PRO A 155 -15.15 -0.01 -6.09
N ALA A 156 -14.86 0.70 -7.17
CA ALA A 156 -14.40 2.09 -7.08
C ALA A 156 -14.97 2.90 -8.24
N PRO A 157 -16.30 2.94 -8.38
CA PRO A 157 -16.88 3.78 -9.42
C PRO A 157 -16.63 5.25 -9.19
N GLN A 158 -16.27 5.67 -7.98
CA GLN A 158 -16.06 7.08 -7.74
C GLN A 158 -14.67 7.57 -8.12
N LEU A 159 -13.73 6.67 -8.43
CA LEU A 159 -12.35 7.13 -8.54
C LEU A 159 -12.01 7.72 -9.89
N ALA A 160 -12.70 7.32 -10.97
CA ALA A 160 -12.34 7.85 -12.30
C ALA A 160 -12.44 9.36 -12.32
N ALA A 161 -13.39 9.94 -11.56
CA ALA A 161 -13.56 11.38 -11.53
C ALA A 161 -12.47 12.10 -10.76
N ARG A 162 -11.56 11.37 -10.10
CA ARG A 162 -10.47 12.01 -9.36
C ARG A 162 -9.09 11.63 -9.91
N ILE A 163 -9.03 11.38 -11.22
CA ILE A 163 -7.76 11.17 -11.88
C ILE A 163 -7.15 12.51 -12.27
N TRP A 164 -5.84 12.62 -12.08
CA TRP A 164 -5.05 13.76 -12.53
C TRP A 164 -3.88 13.25 -13.37
N ILE A 165 -3.47 14.05 -14.34
CA ILE A 165 -2.38 13.73 -15.27
C ILE A 165 -1.33 14.83 -15.17
N ALA A 166 -0.09 14.46 -14.87
CA ALA A 166 1.03 15.40 -14.92
C ALA A 166 1.55 15.48 -16.35
N THR A 167 1.70 16.68 -16.87
CA THR A 167 2.28 16.81 -18.20
C THR A 167 3.05 18.11 -18.29
N PHE A 168 4.02 18.13 -19.22
CA PHE A 168 4.80 19.30 -19.56
C PHE A 168 4.35 19.96 -20.87
N SER A 169 3.43 19.34 -21.60
CA SER A 169 3.21 19.67 -23.00
C SER A 169 1.74 19.99 -23.29
N VAL A 170 1.55 20.84 -24.32
CA VAL A 170 0.20 21.17 -24.79
C VAL A 170 -0.53 19.90 -25.20
N GLU A 171 0.19 18.95 -25.82
CA GLU A 171 -0.48 17.75 -26.31
C GLU A 171 -0.95 16.87 -25.15
N GLY A 172 -0.12 16.73 -24.11
CA GLY A 172 -0.57 16.00 -22.93
C GLY A 172 -1.75 16.67 -22.27
N ALA A 173 -1.79 18.00 -22.29
CA ALA A 173 -2.91 18.74 -21.72
C ALA A 173 -4.18 18.53 -22.51
N ILE A 174 -4.09 18.49 -23.84
CA ILE A 174 -5.26 18.18 -24.64
C ILE A 174 -5.78 16.79 -24.30
N ARG A 175 -4.88 15.81 -24.22
CA ARG A 175 -5.30 14.45 -23.90
C ARG A 175 -5.93 14.39 -22.51
N ALA A 176 -5.40 15.14 -21.54
CA ALA A 176 -6.01 15.15 -20.21
C ALA A 176 -7.38 15.82 -20.25
N GLY A 177 -7.49 16.99 -20.89
CA GLY A 177 -8.79 17.66 -20.97
C GLY A 177 -9.84 16.83 -21.68
N GLN A 178 -9.46 16.20 -22.79
CA GLN A 178 -10.41 15.39 -23.56
C GLN A 178 -11.04 14.31 -22.68
N ALA A 179 -10.23 13.68 -21.85
CA ALA A 179 -10.71 12.65 -20.95
C ALA A 179 -11.38 13.23 -19.71
N GLY A 180 -11.28 14.54 -19.47
CA GLY A 180 -11.89 15.11 -18.28
C GLY A 180 -11.05 14.99 -17.03
N HIS A 181 -9.79 14.58 -17.17
CA HIS A 181 -8.90 14.45 -16.03
C HIS A 181 -8.43 15.82 -15.55
N GLY A 182 -7.84 15.84 -14.35
CA GLY A 182 -7.21 17.05 -13.86
C GLY A 182 -5.84 17.25 -14.49
N LEU A 183 -5.41 18.51 -14.55
CA LEU A 183 -4.12 18.88 -15.10
C LEU A 183 -3.16 19.17 -13.95
N MET A 184 -2.00 18.52 -13.95
CA MET A 184 -0.99 18.70 -12.91
C MET A 184 0.19 19.41 -13.55
N LEU A 185 0.46 20.65 -13.13
CA LEU A 185 1.56 21.44 -13.66
C LEU A 185 2.75 21.44 -12.71
N SER A 186 3.96 21.35 -13.26
CA SER A 186 5.15 21.09 -12.47
C SER A 186 5.73 22.41 -11.91
N ARG A 187 6.55 22.26 -10.87
CA ARG A 187 7.16 23.41 -10.18
C ARG A 187 8.14 24.13 -11.06
N THR A 188 8.67 23.45 -12.07
CA THR A 188 9.59 24.05 -13.02
C THR A 188 9.59 23.18 -14.25
N GLN A 189 10.11 23.74 -15.31
CA GLN A 189 9.99 23.10 -16.60
C GLN A 189 10.99 23.78 -17.53
N PRO A 190 11.59 23.11 -18.51
CA PRO A 190 12.60 23.79 -19.33
C PRO A 190 11.97 24.84 -20.25
N ARG A 191 12.74 25.88 -20.51
CA ARG A 191 12.32 27.01 -21.33
C ARG A 191 12.46 26.71 -22.82
N PRO A 192 11.77 27.45 -23.68
CA PRO A 192 11.93 27.26 -25.15
C PRO A 192 13.37 27.53 -25.56
N PRO A 193 13.83 26.94 -26.66
CA PRO A 193 15.21 27.19 -27.09
C PRO A 193 15.45 28.68 -27.32
N GLY A 194 16.57 29.16 -26.78
CA GLY A 194 16.93 30.56 -26.92
C GLY A 194 16.15 31.53 -26.05
N GLU A 195 15.33 31.05 -25.10
CA GLU A 195 14.58 31.93 -24.21
C GLU A 195 14.74 31.49 -22.76
N PRO A 196 15.98 31.41 -22.27
CA PRO A 196 16.19 30.80 -20.96
C PRO A 196 15.60 31.61 -19.82
N ARG A 197 15.31 32.89 -20.03
CA ARG A 197 14.76 33.75 -18.97
C ARG A 197 13.24 33.88 -19.02
N LEU A 198 12.57 33.18 -19.93
CA LEU A 198 11.12 33.25 -20.02
C LEU A 198 10.50 32.85 -18.69
N PRO A 199 9.48 33.59 -18.21
CA PRO A 199 8.87 33.26 -16.92
C PRO A 199 8.03 32.00 -17.03
N LEU A 200 7.85 31.33 -15.89
CA LEU A 200 7.18 30.03 -15.94
C LEU A 200 5.74 30.16 -16.38
N ASP A 201 5.07 31.28 -16.07
CA ASP A 201 3.68 31.39 -16.49
C ASP A 201 3.57 31.57 -18.00
N ALA A 202 4.61 32.11 -18.65
CA ALA A 202 4.57 32.13 -20.12
C ALA A 202 4.65 30.72 -20.71
N ILE A 203 5.25 29.78 -19.98
CA ILE A 203 5.29 28.39 -20.43
C ILE A 203 3.98 27.68 -20.13
N GLN A 204 3.49 27.79 -18.89
CA GLN A 204 2.35 26.96 -18.49
C GLN A 204 0.99 27.53 -18.87
N ASN A 205 0.85 28.85 -19.06
CA ASN A 205 -0.44 29.38 -19.51
C ASN A 205 -0.92 28.79 -20.83
N PRO A 206 -0.08 28.60 -21.86
CA PRO A 206 -0.56 27.90 -23.05
C PRO A 206 -0.99 26.48 -22.77
N ILE A 207 -0.39 25.82 -21.77
CA ILE A 207 -0.82 24.47 -21.40
C ILE A 207 -2.23 24.50 -20.84
N ILE A 208 -2.51 25.44 -19.94
CA ILE A 208 -3.85 25.57 -19.39
C ILE A 208 -4.87 25.87 -20.50
N ASP A 209 -4.52 26.76 -21.44
CA ASP A 209 -5.44 27.13 -22.53
C ASP A 209 -5.89 25.89 -23.29
N ALA A 210 -4.92 25.06 -23.66
CA ALA A 210 -5.22 23.85 -24.42
C ALA A 210 -6.04 22.86 -23.59
N TYR A 211 -5.71 22.72 -22.30
CA TYR A 211 -6.51 21.89 -21.40
C TYR A 211 -7.97 22.34 -21.37
N LEU A 212 -8.19 23.63 -21.09
CA LEU A 212 -9.56 24.10 -20.94
C LEU A 212 -10.34 24.00 -22.23
N SER A 213 -9.69 24.27 -23.38
CA SER A 213 -10.39 24.15 -24.65
C SER A 213 -10.83 22.73 -24.93
N ALA A 214 -10.21 21.76 -24.28
CA ALA A 214 -10.42 20.35 -24.59
C ALA A 214 -11.42 19.68 -23.66
N LEU A 215 -11.80 20.31 -22.55
CA LEU A 215 -12.71 19.69 -21.60
C LEU A 215 -14.10 19.50 -22.22
N PRO A 216 -14.74 18.37 -21.97
CA PRO A 216 -16.15 18.24 -22.36
C PRO A 216 -17.01 19.21 -21.56
N ASP A 217 -18.18 19.54 -22.12
CA ASP A 217 -19.12 20.35 -21.37
C ASP A 217 -19.51 19.62 -20.08
N GLY A 218 -19.69 20.39 -19.02
CA GLY A 218 -20.15 19.83 -17.77
C GLY A 218 -19.07 19.24 -16.89
N VAL A 219 -17.82 19.20 -17.34
CA VAL A 219 -16.71 18.73 -16.50
C VAL A 219 -16.02 19.95 -15.91
N ALA A 220 -16.03 20.05 -14.60
CA ALA A 220 -15.35 21.14 -13.94
C ALA A 220 -13.84 21.03 -14.14
N PRO A 221 -13.16 22.10 -14.50
CA PRO A 221 -11.70 22.03 -14.65
C PRO A 221 -11.04 21.77 -13.31
N ARG A 222 -9.94 21.05 -13.36
CA ARG A 222 -9.12 20.77 -12.18
C ARG A 222 -7.69 21.00 -12.61
N ILE A 223 -7.06 22.03 -12.04
CA ILE A 223 -5.70 22.44 -12.43
C ILE A 223 -4.90 22.61 -11.15
N LEU A 224 -3.87 21.77 -10.98
CA LEU A 224 -2.94 21.86 -9.86
C LEU A 224 -1.69 22.56 -10.33
N ALA A 225 -1.38 23.69 -9.72
CA ALA A 225 -0.12 24.38 -9.97
C ALA A 225 0.79 24.11 -8.77
N SER A 226 1.80 23.27 -8.96
CA SER A 226 2.78 23.03 -7.92
C SER A 226 3.92 24.02 -8.07
N ARG A 227 4.34 24.59 -6.95
CA ARG A 227 5.42 25.58 -6.93
C ARG A 227 6.42 25.28 -5.82
N THR A 228 7.67 25.65 -6.04
CA THR A 228 8.68 25.66 -4.99
C THR A 228 8.51 26.90 -4.13
N ALA A 229 8.32 26.72 -2.83
CA ALA A 229 8.34 27.84 -1.90
C ALA A 229 9.00 27.40 -0.60
N PHE A 230 9.84 28.27 -0.05
CA PHE A 230 10.36 28.09 1.29
C PHE A 230 10.31 29.44 2.00
N VAL A 231 9.53 29.52 3.08
CA VAL A 231 9.27 30.77 3.76
C VAL A 231 9.81 30.68 5.19
N ALA A 232 10.52 31.73 5.62
CA ALA A 232 11.08 31.81 6.97
C ALA A 232 10.82 33.21 7.51
N ASP A 233 10.87 33.35 8.84
CA ASP A 233 10.63 34.65 9.45
C ASP A 233 11.66 35.68 8.99
N SER A 234 12.92 35.28 8.89
CA SER A 234 13.98 36.16 8.41
C SER A 234 14.25 35.92 6.94
N HIS A 235 14.22 36.99 6.14
CA HIS A 235 14.46 36.85 4.71
C HIS A 235 15.85 36.30 4.40
N ALA A 236 16.88 36.80 5.10
CA ALA A 236 18.24 36.33 4.81
C ALA A 236 18.43 34.87 5.22
N HIS A 237 17.76 34.45 6.30
CA HIS A 237 17.88 33.04 6.70
C HIS A 237 17.36 32.11 5.61
N ALA A 238 16.23 32.49 4.98
CA ALA A 238 15.66 31.62 3.94
C ALA A 238 16.58 31.54 2.73
N LEU A 239 17.19 32.67 2.33
CA LEU A 239 18.13 32.65 1.23
C LEU A 239 19.39 31.86 1.58
N GLN A 240 19.82 31.93 2.84
CA GLN A 240 21.00 31.19 3.27
C GLN A 240 20.76 29.69 3.17
N VAL A 241 19.59 29.24 3.63
CA VAL A 241 19.26 27.82 3.59
C VAL A 241 19.19 27.32 2.14
N ALA A 242 18.65 28.15 1.23
CA ALA A 242 18.36 27.68 -0.12
C ALA A 242 19.60 27.54 -0.99
N GLU A 243 20.62 28.38 -0.77
CA GLU A 243 21.72 28.47 -1.74
C GLU A 243 22.37 27.13 -2.09
N PRO A 244 22.70 26.26 -1.13
CA PRO A 244 23.29 24.97 -1.53
C PRO A 244 22.34 24.11 -2.36
N GLY A 245 21.07 23.99 -1.94
CA GLY A 245 20.13 23.23 -2.75
C GLY A 245 19.96 23.79 -4.15
N LEU A 246 19.83 25.12 -4.25
CA LEU A 246 19.65 25.76 -5.54
C LEU A 246 20.86 25.57 -6.45
N ARG A 247 22.07 25.60 -5.87
CA ARG A 247 23.27 25.33 -6.67
C ARG A 247 23.27 23.91 -7.20
N LYS A 248 22.88 22.93 -6.36
CA LYS A 248 22.77 21.56 -6.86
C LYS A 248 21.75 21.46 -7.98
N GLN A 249 20.61 22.15 -7.84
CA GLN A 249 19.59 22.11 -8.87
C GLN A 249 20.08 22.73 -10.18
N ALA A 250 20.80 23.84 -10.09
CA ALA A 250 21.35 24.47 -11.28
C ALA A 250 22.25 23.52 -12.06
N ALA A 251 23.17 22.86 -11.36
CA ALA A 251 24.11 21.95 -12.01
C ALA A 251 23.38 20.77 -12.66
N GLN A 252 22.45 20.16 -11.92
CA GLN A 252 21.62 19.10 -12.48
C GLN A 252 20.90 19.59 -13.73
N HIS A 253 20.39 20.83 -13.71
CA HIS A 253 19.67 21.34 -14.86
C HIS A 253 20.62 21.46 -16.05
N ARG A 254 21.89 21.81 -15.78
CA ARG A 254 22.88 21.97 -16.85
C ARG A 254 23.35 20.63 -17.39
N GLU A 255 23.57 19.65 -16.52
CA GLU A 255 23.99 18.33 -16.97
C GLU A 255 22.97 17.70 -17.91
N ALA A 256 21.68 17.95 -17.67
CA ALA A 256 20.63 17.44 -18.56
C ALA A 256 20.57 18.17 -19.90
N GLY A 257 21.41 19.17 -20.13
CA GLY A 257 21.46 19.86 -21.40
C GLY A 257 20.64 21.13 -21.49
N HIS A 258 20.11 21.64 -20.38
CA HIS A 258 19.27 22.83 -20.41
C HIS A 258 20.10 24.03 -19.99
N ARG A 259 19.66 25.20 -20.45
CA ARG A 259 20.43 26.44 -20.29
C ARG A 259 20.03 27.16 -19.02
N ILE A 260 21.03 27.62 -18.27
CA ILE A 260 20.85 28.46 -17.09
C ILE A 260 21.80 29.64 -17.22
N GLU A 261 21.25 30.84 -17.35
CA GLU A 261 22.04 32.05 -17.58
C GLU A 261 22.46 32.65 -16.24
N GLY A 262 23.75 32.63 -15.96
CA GLY A 262 24.31 33.24 -14.77
C GLY A 262 24.60 32.21 -13.69
N ASP A 263 25.18 32.72 -12.58
CA ASP A 263 25.48 31.88 -11.44
C ASP A 263 25.03 32.48 -10.11
N SER A 264 24.33 33.61 -10.12
CA SER A 264 23.92 34.20 -8.86
C SER A 264 22.67 33.49 -8.33
N VAL A 265 22.43 33.67 -7.02
CA VAL A 265 21.20 33.15 -6.44
C VAL A 265 19.98 33.73 -7.15
N THR A 266 20.00 35.05 -7.40
CA THR A 266 18.91 35.70 -8.13
C THR A 266 18.63 35.01 -9.47
N ASP A 267 19.69 34.71 -10.22
CA ASP A 267 19.53 33.96 -11.47
C ASP A 267 18.90 32.60 -11.20
N TYR A 268 19.32 31.93 -10.12
CA TYR A 268 18.76 30.62 -9.79
C TYR A 268 17.29 30.73 -9.43
N LEU A 269 16.94 31.67 -8.54
CA LEU A 269 15.55 31.85 -8.13
C LEU A 269 14.63 32.11 -9.32
N GLN A 270 15.07 32.97 -10.26
CA GLN A 270 14.24 33.27 -11.43
C GLN A 270 14.14 32.07 -12.35
N GLN A 271 15.28 31.45 -12.67
CA GLN A 271 15.30 30.42 -13.71
C GLN A 271 14.95 29.04 -13.21
N LEU A 272 15.05 28.79 -11.91
CA LEU A 272 14.60 27.53 -11.33
C LEU A 272 13.26 27.65 -10.60
N ASP A 273 12.64 28.83 -10.64
CA ASP A 273 11.26 29.01 -10.20
C ASP A 273 11.11 28.75 -8.68
N ALA A 274 12.09 29.18 -7.91
CA ALA A 274 12.08 28.98 -6.46
C ALA A 274 11.61 30.25 -5.77
N HIS A 275 10.51 30.16 -5.00
CA HIS A 275 9.97 31.29 -4.24
C HIS A 275 10.49 31.17 -2.81
N VAL A 276 11.54 31.95 -2.50
CA VAL A 276 12.33 31.79 -1.28
C VAL A 276 12.48 33.14 -0.59
N GLY A 277 12.10 33.21 0.68
CA GLY A 277 12.31 34.44 1.43
C GLY A 277 11.39 34.51 2.64
N ASP A 278 11.21 35.73 3.13
CA ASP A 278 10.18 35.95 4.15
C ASP A 278 8.83 36.08 3.46
N PRO A 279 7.74 36.13 4.24
CA PRO A 279 6.42 36.15 3.59
C PRO A 279 6.22 37.29 2.61
N GLU A 280 6.60 38.53 2.96
CA GLU A 280 6.40 39.66 2.04
C GLU A 280 7.11 39.42 0.71
N HIS A 281 8.31 38.84 0.73
CA HIS A 281 9.00 38.65 -0.55
C HIS A 281 8.44 37.46 -1.33
N VAL A 282 7.98 36.42 -0.65
CA VAL A 282 7.42 35.26 -1.35
C VAL A 282 6.04 35.59 -1.92
N ILE A 283 5.23 36.35 -1.15
CA ILE A 283 3.98 36.84 -1.70
C ILE A 283 4.23 37.66 -2.96
N ALA A 284 5.19 38.59 -2.90
CA ALA A 284 5.46 39.45 -4.05
C ALA A 284 5.91 38.66 -5.27
N SER A 285 6.73 37.63 -5.05
CA SER A 285 7.22 36.83 -6.18
C SER A 285 6.13 35.90 -6.72
N LEU A 286 5.30 35.32 -5.85
CA LEU A 286 4.16 34.52 -6.32
C LEU A 286 3.15 35.36 -7.09
N ALA A 287 2.91 36.59 -6.65
CA ALA A 287 1.93 37.46 -7.30
C ALA A 287 2.29 37.74 -8.74
N GLN A 288 3.54 37.49 -9.14
CA GLN A 288 3.98 37.67 -10.50
C GLN A 288 3.64 36.48 -11.40
N ASP A 289 3.27 35.34 -10.81
CA ASP A 289 2.96 34.14 -11.59
C ASP A 289 1.46 34.09 -11.84
N SER A 290 1.08 34.37 -13.09
CA SER A 290 -0.32 34.49 -13.50
C SER A 290 -1.06 33.15 -13.59
N VAL A 291 -0.35 32.02 -13.56
CA VAL A 291 -1.01 30.71 -13.51
C VAL A 291 -1.81 30.54 -12.22
N LEU A 292 -1.36 31.15 -11.13
CA LEU A 292 -1.97 30.84 -9.84
C LEU A 292 -3.43 31.33 -9.78
N ALA A 293 -3.76 32.39 -10.51
CA ALA A 293 -5.15 32.86 -10.56
C ALA A 293 -6.05 31.89 -11.32
N ARG A 294 -5.49 31.12 -12.26
CA ARG A 294 -6.28 30.18 -13.04
C ARG A 294 -6.35 28.81 -12.42
N ALA A 295 -5.40 28.46 -11.58
CA ALA A 295 -5.39 27.13 -10.99
C ALA A 295 -6.55 26.96 -10.01
N THR A 296 -7.04 25.72 -9.90
CA THR A 296 -8.01 25.39 -8.87
C THR A 296 -7.36 24.89 -7.59
N ASP A 297 -6.12 24.40 -7.69
CA ASP A 297 -5.35 23.87 -6.57
C ASP A 297 -3.94 24.42 -6.70
N ILE A 298 -3.37 24.86 -5.58
CA ILE A 298 -2.00 25.36 -5.57
C ILE A 298 -1.26 24.63 -4.46
N SER A 299 -0.10 24.08 -4.79
CA SER A 299 0.65 23.29 -3.83
C SER A 299 2.05 23.86 -3.71
N PHE A 300 2.64 23.68 -2.53
CA PHE A 300 3.95 24.25 -2.21
C PHE A 300 4.88 23.16 -1.70
N GLN A 301 6.08 23.08 -2.26
CA GLN A 301 7.09 22.14 -1.83
C GLN A 301 8.37 22.90 -1.53
N VAL A 302 9.18 22.36 -0.61
CA VAL A 302 10.45 23.04 -0.37
C VAL A 302 11.45 22.72 -1.47
N HIS A 303 11.26 21.58 -2.15
CA HIS A 303 12.31 21.03 -3.01
C HIS A 303 12.72 22.02 -4.08
N SER A 304 13.99 21.88 -4.46
CA SER A 304 14.99 22.91 -4.56
C SER A 304 15.67 22.93 -3.19
N VAL A 305 15.01 23.53 -2.21
CA VAL A 305 15.60 23.77 -0.90
C VAL A 305 15.66 22.49 -0.09
N GLU A 306 16.69 22.39 0.75
CA GLU A 306 16.84 21.28 1.70
C GLU A 306 16.82 21.79 3.13
N PRO A 307 15.68 22.27 3.62
CA PRO A 307 15.64 22.84 4.96
C PRO A 307 15.57 21.76 6.03
N SER A 308 15.81 22.18 7.25
CA SER A 308 15.54 21.31 8.38
C SER A 308 14.04 21.02 8.50
N HIS A 309 13.72 19.96 9.22
CA HIS A 309 12.31 19.62 9.46
C HIS A 309 11.59 20.75 10.17
N ARG A 310 12.20 21.32 11.22
CA ARG A 310 11.51 22.40 11.93
C ARG A 310 11.37 23.65 11.07
N ASP A 311 12.35 23.95 10.21
CA ASP A 311 12.16 25.03 9.25
C ASP A 311 11.06 24.71 8.25
N THR A 312 10.88 23.44 7.90
CA THR A 312 9.76 23.08 7.04
C THR A 312 8.44 23.29 7.75
N LEU A 313 8.35 22.92 9.02
CA LEU A 313 7.12 23.16 9.78
C LEU A 313 6.78 24.66 9.83
N ARG A 314 7.79 25.50 10.03
CA ARG A 314 7.53 26.94 10.07
C ARG A 314 7.15 27.47 8.70
N SER A 315 7.80 26.97 7.64
CA SER A 315 7.42 27.39 6.30
C SER A 315 5.96 27.06 6.04
N ILE A 316 5.54 25.87 6.44
CA ILE A 316 4.13 25.46 6.30
C ILE A 316 3.23 26.42 7.06
N GLU A 317 3.62 26.79 8.30
CA GLU A 317 2.83 27.74 9.08
C GLU A 317 2.76 29.10 8.42
N LEU A 318 3.91 29.62 7.96
CA LEU A 318 3.92 30.96 7.38
C LEU A 318 3.08 31.02 6.12
N ILE A 319 3.14 29.95 5.30
CA ILE A 319 2.34 29.91 4.08
C ILE A 319 0.87 29.96 4.42
N ALA A 320 0.45 29.12 5.38
CA ALA A 320 -0.95 29.09 5.79
C ALA A 320 -1.40 30.44 6.32
N GLN A 321 -0.54 31.09 7.12
CA GLN A 321 -0.95 32.32 7.78
C GLN A 321 -0.90 33.54 6.85
N HIS A 322 0.14 33.63 6.01
CA HIS A 322 0.47 34.87 5.31
C HIS A 322 0.29 34.78 3.80
N ILE A 323 0.62 33.65 3.19
CA ILE A 323 0.49 33.50 1.74
C ILE A 323 -0.95 33.16 1.37
N ALA A 324 -1.56 32.21 2.07
CA ALA A 324 -2.89 31.70 1.72
C ALA A 324 -3.92 32.80 1.49
N PRO A 325 -4.09 33.81 2.34
CA PRO A 325 -5.13 34.81 2.08
C PRO A 325 -5.00 35.50 0.75
N HIS A 326 -3.79 35.53 0.16
CA HIS A 326 -3.64 36.18 -1.13
C HIS A 326 -4.12 35.31 -2.28
N ILE A 327 -4.08 34.00 -2.12
CA ILE A 327 -4.20 33.09 -3.26
C ILE A 327 -5.38 32.13 -3.16
N ARG A 328 -6.02 32.00 -2.00
CA ARG A 328 -7.23 31.19 -1.93
C ARG A 328 -8.39 31.78 -2.71
N PRO B 2 7.79 -20.87 24.14
CA PRO B 2 6.84 -19.77 24.42
C PRO B 2 6.14 -19.28 23.14
N LYS B 3 4.89 -19.67 22.95
CA LYS B 3 4.22 -19.52 21.67
C LYS B 3 3.49 -18.20 21.55
N ARG B 4 3.44 -17.68 20.32
CA ARG B 4 2.74 -16.43 20.05
C ARG B 4 1.29 -16.71 19.66
N LEU B 5 0.39 -15.86 20.12
CA LEU B 5 -1.04 -16.00 19.87
C LEU B 5 -1.49 -14.96 18.85
N GLY B 6 -2.22 -15.41 17.83
CA GLY B 6 -2.54 -14.56 16.69
C GLY B 6 -4.02 -14.52 16.39
N PHE B 7 -4.45 -13.39 15.85
CA PHE B 7 -5.79 -13.21 15.30
C PHE B 7 -5.67 -13.15 13.78
N PHE B 8 -6.52 -13.92 13.10
CA PHE B 8 -6.48 -14.07 11.65
C PHE B 8 -7.81 -13.63 11.06
N THR B 9 -7.78 -12.79 10.02
CA THR B 9 -9.03 -12.48 9.32
C THR B 9 -8.86 -12.40 7.81
N ARG B 10 -9.88 -12.88 7.10
CA ARG B 10 -10.03 -12.74 5.66
C ARG B 10 -10.87 -11.53 5.27
N LEU B 11 -11.35 -10.78 6.28
CA LEU B 11 -12.17 -9.58 6.12
C LEU B 11 -13.49 -9.90 5.42
N LEU B 12 -14.27 -10.77 6.06
CA LEU B 12 -15.52 -11.26 5.49
C LEU B 12 -16.77 -10.81 6.26
N ASP B 13 -16.66 -9.85 7.16
CA ASP B 13 -17.83 -9.41 7.90
C ASP B 13 -18.91 -8.90 6.94
N GLN B 14 -20.16 -8.96 7.40
CA GLN B 14 -21.25 -8.52 6.55
C GLN B 14 -21.20 -6.99 6.39
N GLY B 15 -21.32 -6.53 5.15
CA GLY B 15 -21.31 -5.10 4.86
C GLY B 15 -20.53 -4.74 3.61
N SER B 16 -20.52 -3.45 3.26
CA SER B 16 -19.69 -2.94 2.18
C SER B 16 -18.22 -3.04 2.54
N ALA B 17 -17.36 -2.92 1.53
CA ALA B 17 -15.93 -3.07 1.79
C ALA B 17 -15.47 -2.05 2.83
N GLN B 18 -15.98 -0.82 2.76
CA GLN B 18 -15.51 0.18 3.73
C GLN B 18 -15.86 -0.25 5.14
N THR B 19 -17.05 -0.83 5.31
CA THR B 19 -17.45 -1.35 6.61
C THR B 19 -16.59 -2.54 7.02
N ARG B 20 -16.32 -3.46 6.09
CA ARG B 20 -15.43 -4.58 6.41
C ARG B 20 -14.07 -4.10 6.90
N TYR B 21 -13.51 -3.09 6.26
CA TYR B 21 -12.18 -2.61 6.64
C TYR B 21 -12.22 -1.95 8.01
N ARG B 22 -13.29 -1.23 8.31
CA ARG B 22 -13.37 -0.60 9.61
C ARG B 22 -13.60 -1.63 10.72
N LEU B 23 -14.35 -2.71 10.43
CA LEU B 23 -14.58 -3.73 11.45
C LEU B 23 -13.33 -4.58 11.67
N ALA B 24 -12.63 -4.92 10.58
CA ALA B 24 -11.36 -5.62 10.71
C ALA B 24 -10.36 -4.82 11.55
N ALA B 25 -10.24 -3.52 11.27
CA ALA B 25 -9.30 -2.69 12.02
C ALA B 25 -9.63 -2.68 13.51
N GLU B 26 -10.91 -2.53 13.83
CA GLU B 26 -11.34 -2.58 15.22
C GLU B 26 -11.07 -3.96 15.83
N GLN B 27 -11.24 -5.03 15.05
CA GLN B 27 -10.98 -6.37 15.59
C GLN B 27 -9.50 -6.56 15.89
N ILE B 28 -8.63 -6.06 15.01
CA ILE B 28 -7.19 -6.15 15.27
C ILE B 28 -6.80 -5.30 16.48
N ARG B 29 -7.34 -4.09 16.59
CA ARG B 29 -7.05 -3.24 17.75
C ARG B 29 -7.50 -3.92 19.04
N HIS B 30 -8.66 -4.58 19.00
CA HIS B 30 -9.16 -5.25 20.19
C HIS B 30 -8.31 -6.46 20.55
N ALA B 31 -7.90 -7.24 19.54
CA ALA B 31 -6.94 -8.33 19.76
C ALA B 31 -5.68 -7.82 20.45
N GLU B 32 -5.13 -6.70 19.98
CA GLU B 32 -3.96 -6.16 20.64
C GLU B 32 -4.30 -5.78 22.08
N ARG B 33 -5.47 -5.20 22.28
CA ARG B 33 -5.83 -4.71 23.61
C ARG B 33 -5.95 -5.85 24.62
N VAL B 34 -6.39 -7.03 24.19
CA VAL B 34 -6.52 -8.15 25.13
C VAL B 34 -5.30 -9.06 25.12
N GLY B 35 -4.20 -8.65 24.49
CA GLY B 35 -2.94 -9.36 24.62
C GLY B 35 -2.58 -10.37 23.54
N PHE B 36 -3.23 -10.35 22.37
CA PHE B 36 -2.74 -11.13 21.24
C PHE B 36 -1.37 -10.60 20.81
N ASP B 37 -0.49 -11.50 20.38
CA ASP B 37 0.84 -11.11 19.92
C ASP B 37 0.86 -10.68 18.46
N SER B 38 -0.04 -11.19 17.64
CA SER B 38 0.06 -11.05 16.19
C SER B 38 -1.33 -10.97 15.57
N ALA B 39 -1.40 -10.28 14.44
CA ALA B 39 -2.56 -10.28 13.56
C ALA B 39 -2.12 -10.71 12.15
N TRP B 40 -2.95 -11.51 11.47
CA TRP B 40 -2.66 -11.99 10.13
C TRP B 40 -3.86 -11.66 9.23
N ILE B 41 -3.61 -11.18 8.01
CA ILE B 41 -4.70 -10.88 7.09
C ILE B 41 -4.39 -11.55 5.75
N ALA B 42 -5.44 -12.04 5.10
CA ALA B 42 -5.30 -12.79 3.85
C ALA B 42 -5.72 -11.92 2.68
N GLN B 43 -5.03 -12.10 1.56
CA GLN B 43 -5.31 -11.38 0.32
C GLN B 43 -6.19 -12.22 -0.59
N HIS B 44 -7.21 -11.59 -1.16
CA HIS B 44 -8.13 -12.25 -2.09
C HIS B 44 -8.57 -11.25 -3.15
N HIS B 45 -8.63 -11.69 -4.39
CA HIS B 45 -8.97 -10.83 -5.52
C HIS B 45 -10.34 -11.20 -6.09
N PHE B 46 -11.14 -10.18 -6.41
CA PHE B 46 -12.33 -10.26 -7.27
C PHE B 46 -13.54 -10.94 -6.65
N HIS B 47 -13.48 -11.40 -5.41
CA HIS B 47 -14.57 -12.25 -4.90
C HIS B 47 -14.90 -11.83 -3.47
N GLU B 48 -16.01 -11.09 -3.35
CA GLU B 48 -16.47 -10.57 -2.07
C GLU B 48 -16.65 -11.67 -1.02
N GLN B 49 -17.01 -12.88 -1.46
CA GLN B 49 -17.28 -13.98 -0.54
C GLN B 49 -16.05 -14.82 -0.21
N GLU B 50 -14.98 -14.66 -0.97
CA GLU B 50 -13.72 -15.32 -0.66
C GLU B 50 -12.92 -14.52 0.35
N GLY B 51 -12.87 -13.21 0.17
CA GLY B 51 -12.17 -12.30 1.08
C GLY B 51 -12.39 -10.88 0.64
N GLY B 52 -12.34 -9.92 1.56
CA GLY B 52 -12.64 -8.56 1.20
C GLY B 52 -11.46 -7.67 0.88
N LEU B 53 -10.24 -8.21 0.86
CA LEU B 53 -9.05 -7.37 0.79
C LEU B 53 -8.05 -7.82 -0.28
N PRO B 54 -7.92 -7.08 -1.38
CA PRO B 54 -6.88 -7.41 -2.36
C PRO B 54 -5.56 -6.72 -2.10
N SER B 55 -5.47 -5.86 -1.07
CA SER B 55 -4.32 -4.99 -0.83
C SER B 55 -3.85 -5.05 0.61
N PRO B 56 -3.28 -6.18 1.03
CA PRO B 56 -2.89 -6.31 2.45
C PRO B 56 -1.84 -5.30 2.91
N LEU B 57 -0.89 -4.91 2.06
CA LEU B 57 0.14 -3.99 2.52
C LEU B 57 -0.41 -2.59 2.75
N VAL B 58 -1.42 -2.20 1.98
CA VAL B 58 -2.07 -0.91 2.18
C VAL B 58 -2.88 -0.94 3.47
N PHE B 59 -3.66 -2.01 3.68
CA PHE B 59 -4.50 -2.08 4.87
C PHE B 59 -3.66 -2.13 6.15
N LEU B 60 -2.57 -2.90 6.14
CA LEU B 60 -1.71 -3.02 7.30
C LEU B 60 -1.01 -1.70 7.64
N ALA B 61 -0.66 -0.89 6.63
CA ALA B 61 -0.16 0.45 6.90
C ALA B 61 -1.17 1.27 7.70
N HIS B 62 -2.45 1.17 7.33
CA HIS B 62 -3.50 1.87 8.06
C HIS B 62 -3.63 1.38 9.50
N VAL B 63 -3.71 0.05 9.67
CA VAL B 63 -3.81 -0.53 11.02
C VAL B 63 -2.54 -0.26 11.83
N ALA B 64 -1.38 -0.28 11.19
CA ALA B 64 -0.13 0.02 11.91
C ALA B 64 -0.20 1.36 12.63
N ALA B 65 -0.83 2.36 12.02
CA ALA B 65 -0.93 3.67 12.64
C ALA B 65 -1.89 3.69 13.81
N GLN B 66 -2.72 2.67 13.96
CA GLN B 66 -3.71 2.59 15.01
C GLN B 66 -3.28 1.68 16.16
N THR B 67 -2.13 1.02 16.03
CA THR B 67 -1.69 0.00 16.97
C THR B 67 -0.25 0.30 17.38
N ASP B 68 0.28 -0.50 18.29
CA ASP B 68 1.61 -0.15 18.77
C ASP B 68 2.46 -1.39 19.05
N ARG B 69 1.85 -2.42 19.61
CA ARG B 69 2.59 -3.62 20.01
C ARG B 69 2.35 -4.82 19.10
N ILE B 70 1.12 -5.02 18.63
CA ILE B 70 0.78 -6.26 17.92
C ILE B 70 1.58 -6.36 16.62
N ARG B 71 2.10 -7.57 16.34
CA ARG B 71 2.75 -7.79 15.04
C ARG B 71 1.73 -7.95 13.93
N LEU B 72 2.14 -7.58 12.71
CA LEU B 72 1.22 -7.45 11.59
C LEU B 72 1.77 -8.29 10.45
N GLY B 73 0.99 -9.25 9.96
CA GLY B 73 1.49 -10.15 8.94
C GLY B 73 0.50 -10.45 7.83
N THR B 74 1.06 -10.87 6.68
CA THR B 74 0.26 -11.33 5.55
C THR B 74 0.18 -12.84 5.59
N ALA B 75 -1.03 -13.38 5.48
CA ALA B 75 -1.24 -14.82 5.47
C ALA B 75 -2.36 -15.14 4.47
N ILE B 76 -2.10 -14.94 3.18
CA ILE B 76 -0.80 -14.63 2.58
C ILE B 76 -0.94 -13.61 1.45
N ILE B 77 0.19 -13.13 0.97
CA ILE B 77 0.26 -12.47 -0.33
C ILE B 77 0.32 -13.55 -1.41
N THR B 78 -0.57 -13.46 -2.41
CA THR B 78 -0.61 -14.46 -3.48
C THR B 78 0.43 -14.01 -4.49
N LEU B 79 1.67 -14.45 -4.26
CA LEU B 79 2.81 -13.87 -4.96
C LEU B 79 2.80 -14.06 -6.48
N PRO B 80 2.28 -15.16 -7.05
CA PRO B 80 2.23 -15.24 -8.52
C PRO B 80 1.40 -14.16 -9.15
N MET B 81 0.51 -13.54 -8.39
CA MET B 81 -0.42 -12.50 -8.85
C MET B 81 0.12 -11.11 -8.52
N GLU B 82 1.43 -10.91 -8.61
CA GLU B 82 2.04 -9.66 -8.20
C GLU B 82 3.16 -9.25 -9.14
N ASN B 83 3.42 -7.94 -9.22
CA ASN B 83 4.72 -7.48 -9.71
C ASN B 83 5.65 -7.59 -8.51
N PRO B 84 6.65 -8.48 -8.54
CA PRO B 84 7.36 -8.79 -7.28
C PRO B 84 8.22 -7.65 -6.80
N LEU B 85 8.76 -6.82 -7.70
CA LEU B 85 9.58 -5.70 -7.23
C LEU B 85 8.75 -4.67 -6.48
N ARG B 86 7.51 -4.43 -6.95
CA ARG B 86 6.64 -3.52 -6.21
C ARG B 86 6.26 -4.10 -4.85
N VAL B 87 6.05 -5.42 -4.79
CA VAL B 87 5.83 -6.04 -3.47
C VAL B 87 7.04 -5.80 -2.57
N ALA B 88 8.23 -6.01 -3.12
CA ALA B 88 9.45 -5.80 -2.34
C ALA B 88 9.50 -4.38 -1.78
N GLU B 89 9.20 -3.37 -2.62
CA GLU B 89 9.21 -1.97 -2.18
C GLU B 89 8.13 -1.72 -1.13
N ASP B 90 6.88 -2.10 -1.44
CA ASP B 90 5.79 -1.87 -0.51
C ASP B 90 6.07 -2.49 0.86
N ALA B 91 6.57 -3.74 0.88
CA ALA B 91 6.89 -4.36 2.18
C ALA B 91 8.06 -3.65 2.87
N ALA B 92 9.09 -3.28 2.11
CA ALA B 92 10.20 -2.51 2.68
C ALA B 92 9.71 -1.22 3.34
N VAL B 93 8.80 -0.51 2.67
CA VAL B 93 8.26 0.71 3.26
C VAL B 93 7.40 0.39 4.46
N LEU B 94 6.47 -0.57 4.30
CA LEU B 94 5.55 -0.91 5.38
C LEU B 94 6.28 -1.29 6.67
N ASP B 95 7.33 -2.10 6.58
CA ASP B 95 7.99 -2.54 7.82
C ASP B 95 8.52 -1.35 8.60
N LEU B 96 9.08 -0.36 7.89
CA LEU B 96 9.52 0.86 8.53
C LEU B 96 8.35 1.58 9.19
N LEU B 97 7.20 1.69 8.49
CA LEU B 97 6.05 2.39 9.08
C LEU B 97 5.48 1.66 10.30
N THR B 98 5.63 0.33 10.36
CA THR B 98 5.23 -0.42 11.55
C THR B 98 6.30 -0.46 12.63
N ASP B 99 7.50 0.06 12.36
CA ASP B 99 8.60 0.02 13.32
C ASP B 99 9.03 -1.42 13.60
N GLY B 100 9.10 -2.23 12.55
CA GLY B 100 9.63 -3.57 12.65
C GLY B 100 8.65 -4.66 13.05
N ARG B 101 7.35 -4.43 12.86
CA ARG B 101 6.34 -5.40 13.26
C ARG B 101 5.87 -6.29 12.13
N LEU B 102 6.42 -6.16 10.92
CA LEU B 102 5.84 -6.85 9.77
C LEU B 102 6.32 -8.30 9.68
N GLU B 103 5.42 -9.18 9.25
CA GLU B 103 5.71 -10.58 8.90
C GLU B 103 5.19 -10.83 7.50
N VAL B 104 6.04 -11.35 6.61
CA VAL B 104 5.66 -11.46 5.21
C VAL B 104 5.41 -12.94 4.89
N GLY B 105 4.15 -13.31 4.79
CA GLY B 105 3.76 -14.63 4.36
C GLY B 105 3.34 -14.62 2.90
N PHE B 106 3.87 -15.58 2.14
CA PHE B 106 3.62 -15.71 0.72
C PHE B 106 2.95 -17.05 0.45
N GLY B 107 2.10 -17.07 -0.59
CA GLY B 107 1.51 -18.31 -1.05
C GLY B 107 1.30 -18.26 -2.55
N SER B 108 1.02 -19.44 -3.12
CA SER B 108 0.89 -19.56 -4.57
C SER B 108 -0.51 -19.83 -5.04
N GLY B 109 -1.38 -20.37 -4.18
CA GLY B 109 -2.64 -20.92 -4.63
C GLY B 109 -3.70 -19.87 -4.82
N GLY B 110 -4.81 -20.30 -5.40
CA GLY B 110 -5.92 -19.39 -5.63
C GLY B 110 -6.86 -19.94 -6.67
N THR B 111 -7.97 -19.25 -6.83
CA THR B 111 -8.97 -19.63 -7.80
C THR B 111 -8.36 -19.56 -9.19
N PRO B 112 -8.47 -20.61 -10.01
CA PRO B 112 -7.82 -20.58 -11.32
C PRO B 112 -8.17 -19.36 -12.16
N THR B 113 -9.44 -18.95 -12.21
CA THR B 113 -9.79 -17.81 -13.05
C THR B 113 -9.21 -16.49 -12.53
N SER B 114 -8.77 -16.42 -11.27
CA SER B 114 -8.18 -15.19 -10.76
C SER B 114 -6.76 -14.96 -11.26
N PHE B 115 -6.08 -16.00 -11.74
CA PHE B 115 -4.73 -15.82 -12.29
C PHE B 115 -4.74 -15.09 -13.62
N LEU B 116 -5.81 -15.28 -14.42
CA LEU B 116 -5.84 -14.79 -15.79
C LEU B 116 -5.61 -13.29 -15.92
N PRO B 117 -6.21 -12.42 -15.10
CA PRO B 117 -5.92 -10.97 -15.20
C PRO B 117 -4.46 -10.63 -14.97
N PHE B 118 -3.66 -11.52 -14.38
CA PHE B 118 -2.28 -11.21 -14.06
C PHE B 118 -1.29 -11.89 -14.99
N GLY B 119 -1.75 -12.34 -16.15
CA GLY B 119 -0.82 -12.80 -17.16
C GLY B 119 -0.25 -14.19 -16.96
N LEU B 120 -0.95 -15.05 -16.21
CA LEU B 120 -0.51 -16.43 -16.05
C LEU B 120 -1.74 -17.30 -15.81
N THR B 121 -1.50 -18.61 -15.83
CA THR B 121 -2.53 -19.57 -15.48
C THR B 121 -2.15 -20.25 -14.18
N SER B 122 -3.13 -20.97 -13.62
CA SER B 122 -2.94 -21.64 -12.34
C SER B 122 -1.89 -22.74 -12.41
N GLU B 123 -1.77 -23.41 -13.58
CA GLU B 123 -0.73 -24.43 -13.75
C GLU B 123 0.67 -23.84 -13.69
N GLN B 124 0.82 -22.53 -13.86
CA GLN B 124 2.14 -21.90 -13.82
C GLN B 124 2.49 -21.35 -12.44
N ARG B 125 1.60 -21.50 -11.46
CA ARG B 125 1.76 -20.77 -10.20
C ARG B 125 3.03 -21.17 -9.45
N GLY B 126 3.38 -22.45 -9.46
CA GLY B 126 4.56 -22.89 -8.70
C GLY B 126 5.85 -22.30 -9.24
N ALA B 127 6.04 -22.35 -10.56
CA ALA B 127 7.26 -21.81 -11.14
C ALA B 127 7.32 -20.30 -10.99
N VAL B 128 6.21 -19.61 -11.22
CA VAL B 128 6.18 -18.15 -11.10
C VAL B 128 6.44 -17.72 -9.66
N PHE B 129 5.84 -18.42 -8.69
CA PHE B 129 6.10 -18.16 -7.28
C PHE B 129 7.60 -18.20 -6.97
N ALA B 130 8.28 -19.26 -7.40
CA ALA B 130 9.71 -19.38 -7.13
C ALA B 130 10.50 -18.24 -7.75
N ASP B 131 10.18 -17.86 -8.99
CA ASP B 131 10.90 -16.74 -9.61
C ASP B 131 10.65 -15.44 -8.86
N HIS B 132 9.40 -15.17 -8.49
CA HIS B 132 9.07 -13.95 -7.80
C HIS B 132 9.74 -13.90 -6.42
N LEU B 133 9.74 -15.02 -5.71
CA LEU B 133 10.39 -15.07 -4.41
C LEU B 133 11.88 -14.78 -4.54
N HIS B 134 12.52 -15.30 -5.58
CA HIS B 134 13.94 -15.03 -5.80
C HIS B 134 14.19 -13.55 -6.05
N LEU B 135 13.34 -12.93 -6.86
CA LEU B 135 13.52 -11.51 -7.16
C LEU B 135 13.39 -10.69 -5.89
N ILE B 136 12.37 -11.00 -5.07
CA ILE B 136 12.14 -10.24 -3.86
C ILE B 136 13.32 -10.37 -2.91
N HIS B 137 13.81 -11.59 -2.74
CA HIS B 137 14.96 -11.84 -1.87
C HIS B 137 16.17 -11.06 -2.34
N SER B 138 16.41 -11.07 -3.65
CA SER B 138 17.52 -10.33 -4.25
C SER B 138 17.40 -8.83 -4.01
N ALA B 139 16.19 -8.29 -4.14
CA ALA B 139 15.98 -6.85 -3.92
C ALA B 139 16.21 -6.48 -2.46
N TRP B 140 15.57 -7.21 -1.55
CA TRP B 140 15.78 -6.96 -0.13
C TRP B 140 17.24 -7.14 0.29
N ARG B 141 17.98 -8.03 -0.38
CA ARG B 141 19.40 -8.21 -0.06
C ARG B 141 20.22 -7.00 -0.48
N GLY B 142 19.67 -6.16 -1.36
CA GLY B 142 20.41 -5.03 -1.89
C GLY B 142 21.17 -5.27 -3.17
N ASP B 143 20.85 -6.32 -3.95
CA ASP B 143 21.49 -6.51 -5.24
C ASP B 143 21.06 -5.44 -6.23
N THR B 144 21.85 -5.25 -7.29
CA THR B 144 21.45 -4.34 -8.36
C THR B 144 20.18 -4.86 -9.04
N LEU B 145 19.38 -3.93 -9.56
CA LEU B 145 18.08 -4.27 -10.13
C LEU B 145 18.09 -3.85 -11.60
N SER B 146 18.59 -4.75 -12.46
CA SER B 146 18.65 -4.57 -13.91
C SER B 146 19.53 -3.41 -14.38
N HIS B 147 20.20 -2.73 -13.45
CA HIS B 147 21.14 -1.70 -13.82
C HIS B 147 22.00 -1.37 -12.61
N PRO B 148 23.30 -1.13 -12.80
CA PRO B 148 24.15 -0.85 -11.62
C PRO B 148 23.78 0.41 -10.83
N ASP B 149 23.05 1.37 -11.40
CA ASP B 149 22.54 2.47 -10.59
C ASP B 149 21.32 2.11 -9.73
N ASN B 150 20.73 0.92 -9.86
CA ASN B 150 19.45 0.62 -9.20
C ASN B 150 19.66 -0.33 -8.02
N HIS B 151 19.39 0.16 -6.81
CA HIS B 151 19.26 -0.66 -5.62
C HIS B 151 17.96 -0.29 -4.92
N LEU B 152 17.30 -1.29 -4.33
CA LEU B 152 16.06 -1.06 -3.61
C LEU B 152 16.18 0.07 -2.60
N TYR B 153 15.26 1.02 -2.66
CA TYR B 153 15.13 2.05 -1.62
C TYR B 153 13.67 2.06 -1.19
N PRO B 154 13.38 2.02 0.12
CA PRO B 154 14.31 1.94 1.25
C PRO B 154 14.95 0.56 1.33
N PRO B 155 16.15 0.44 1.91
CA PRO B 155 16.75 -0.89 2.07
C PRO B 155 15.92 -1.75 3.01
N ALA B 156 15.97 -3.08 2.81
CA ALA B 156 15.25 -3.98 3.68
C ALA B 156 16.04 -5.25 3.98
N PRO B 157 17.29 -5.16 4.43
CA PRO B 157 18.02 -6.38 4.74
C PRO B 157 17.40 -7.17 5.88
N GLN B 158 16.55 -6.56 6.72
CA GLN B 158 16.01 -7.32 7.83
C GLN B 158 14.84 -8.21 7.41
N LEU B 159 14.30 -8.00 6.21
CA LEU B 159 13.03 -8.64 5.90
C LEU B 159 13.18 -10.08 5.42
N ALA B 160 14.32 -10.44 4.81
CA ALA B 160 14.48 -11.84 4.38
C ALA B 160 14.27 -12.81 5.53
N ALA B 161 14.62 -12.40 6.75
CA ALA B 161 14.49 -13.30 7.89
C ALA B 161 13.06 -13.46 8.36
N ARG B 162 12.11 -12.71 7.79
CA ARG B 162 10.73 -12.78 8.25
C ARG B 162 9.79 -13.28 7.14
N ILE B 163 10.30 -14.11 6.25
CA ILE B 163 9.47 -14.71 5.19
C ILE B 163 8.81 -15.97 5.74
N TRP B 164 7.53 -16.14 5.42
CA TRP B 164 6.79 -17.37 5.71
C TRP B 164 6.18 -17.89 4.42
N ILE B 165 6.05 -19.21 4.31
CA ILE B 165 5.53 -19.86 3.12
C ILE B 165 4.33 -20.71 3.53
N ALA B 166 3.18 -20.48 2.93
CA ALA B 166 2.04 -21.36 3.14
C ALA B 166 2.21 -22.60 2.26
N THR B 167 2.08 -23.79 2.86
CA THR B 167 2.06 -24.97 2.01
C THR B 167 1.16 -26.04 2.62
N PHE B 168 0.78 -26.97 1.77
CA PHE B 168 -0.13 -28.04 2.12
C PHE B 168 0.57 -29.39 2.03
N SER B 169 1.83 -29.41 1.58
CA SER B 169 2.51 -30.61 1.18
C SER B 169 3.86 -30.77 1.87
N VAL B 170 4.30 -32.02 1.97
CA VAL B 170 5.64 -32.33 2.48
C VAL B 170 6.71 -31.66 1.62
N GLU B 171 6.54 -31.70 0.30
CA GLU B 171 7.53 -31.08 -0.58
C GLU B 171 7.59 -29.57 -0.40
N GLY B 172 6.43 -28.91 -0.28
CA GLY B 172 6.44 -27.48 -0.03
C GLY B 172 7.13 -27.14 1.27
N ALA B 173 6.98 -28.01 2.29
CA ALA B 173 7.60 -27.77 3.59
C ALA B 173 9.10 -27.94 3.53
N ILE B 174 9.59 -28.88 2.70
CA ILE B 174 11.03 -29.03 2.57
C ILE B 174 11.64 -27.82 1.88
N ARG B 175 11.00 -27.31 0.82
CA ARG B 175 11.52 -26.11 0.18
C ARG B 175 11.56 -24.93 1.16
N ALA B 176 10.52 -24.78 1.98
CA ALA B 176 10.51 -23.69 2.95
C ALA B 176 11.60 -23.88 4.01
N GLY B 177 11.74 -25.09 4.52
CA GLY B 177 12.76 -25.34 5.54
C GLY B 177 14.16 -25.15 5.00
N GLN B 178 14.42 -25.62 3.79
CA GLN B 178 15.76 -25.50 3.22
C GLN B 178 16.18 -24.05 3.12
N ALA B 179 15.21 -23.18 2.84
CA ALA B 179 15.45 -21.75 2.71
C ALA B 179 15.50 -21.03 4.06
N GLY B 180 15.13 -21.71 5.16
CA GLY B 180 15.07 -21.06 6.45
C GLY B 180 13.81 -20.26 6.68
N HIS B 181 12.82 -20.38 5.81
CA HIS B 181 11.58 -19.62 5.86
C HIS B 181 10.64 -20.21 6.90
N GLY B 182 9.60 -19.45 7.25
CA GLY B 182 8.58 -19.96 8.14
C GLY B 182 7.60 -20.86 7.43
N LEU B 183 7.00 -21.78 8.19
CA LEU B 183 5.97 -22.68 7.70
C LEU B 183 4.60 -22.21 8.16
N MET B 184 3.67 -22.02 7.22
CA MET B 184 2.30 -21.65 7.54
C MET B 184 1.37 -22.80 7.21
N LEU B 185 0.74 -23.37 8.23
CA LEU B 185 -0.20 -24.49 8.12
C LEU B 185 -1.62 -23.94 8.08
N SER B 186 -2.43 -24.52 7.21
CA SER B 186 -3.78 -24.04 6.97
C SER B 186 -4.74 -24.47 8.07
N ARG B 187 -5.83 -23.69 8.21
CA ARG B 187 -6.88 -24.03 9.15
C ARG B 187 -7.52 -25.38 8.84
N THR B 188 -7.41 -25.84 7.60
CA THR B 188 -8.00 -27.11 7.22
C THR B 188 -7.41 -27.53 5.89
N GLN B 189 -7.45 -28.83 5.64
CA GLN B 189 -6.81 -29.47 4.50
C GLN B 189 -7.64 -30.66 4.07
N PRO B 190 -7.65 -31.01 2.79
CA PRO B 190 -8.34 -32.24 2.37
C PRO B 190 -7.65 -33.49 2.91
N ARG B 191 -8.48 -34.50 3.24
CA ARG B 191 -7.99 -35.77 3.75
C ARG B 191 -7.64 -36.73 2.61
N PRO B 192 -6.77 -37.73 2.88
CA PRO B 192 -6.36 -38.68 1.83
C PRO B 192 -7.46 -39.68 1.46
N GLU B 195 -10.39 -41.90 3.69
CA GLU B 195 -10.16 -41.64 5.11
C GLU B 195 -10.65 -40.26 5.56
N PRO B 196 -11.93 -39.94 5.30
CA PRO B 196 -12.39 -38.56 5.50
C PRO B 196 -12.39 -38.11 6.94
N ARG B 197 -12.21 -39.01 7.92
CA ARG B 197 -12.31 -38.66 9.33
C ARG B 197 -10.94 -38.49 9.99
N LEU B 198 -9.85 -38.63 9.24
CA LEU B 198 -8.52 -38.46 9.80
C LEU B 198 -8.41 -37.11 10.52
N PRO B 199 -7.79 -37.05 11.69
CA PRO B 199 -7.64 -35.77 12.38
C PRO B 199 -6.65 -34.88 11.63
N LEU B 200 -6.80 -33.57 11.82
CA LEU B 200 -5.93 -32.65 11.10
C LEU B 200 -4.47 -32.82 11.50
N ASP B 201 -4.21 -33.16 12.77
CA ASP B 201 -2.81 -33.30 13.17
C ASP B 201 -2.18 -34.51 12.52
N ALA B 202 -2.97 -35.54 12.21
CA ALA B 202 -2.44 -36.63 11.40
C ALA B 202 -1.99 -36.14 10.03
N ILE B 203 -2.67 -35.13 9.49
CA ILE B 203 -2.26 -34.58 8.20
C ILE B 203 -1.03 -33.67 8.35
N GLN B 204 -1.01 -32.81 9.37
CA GLN B 204 -0.02 -31.75 9.35
C GLN B 204 1.28 -32.08 10.06
N ASN B 205 1.28 -33.03 11.01
CA ASN B 205 2.53 -33.44 11.65
C ASN B 205 3.58 -33.99 10.69
N PRO B 206 3.25 -34.79 9.67
CA PRO B 206 4.27 -35.09 8.66
C PRO B 206 4.81 -33.88 7.95
N ILE B 207 4.00 -32.82 7.82
CA ILE B 207 4.48 -31.59 7.18
C ILE B 207 5.50 -30.90 8.07
N ILE B 208 5.18 -30.78 9.35
CA ILE B 208 6.14 -30.23 10.32
C ILE B 208 7.41 -31.06 10.35
N ASP B 209 7.29 -32.39 10.37
CA ASP B 209 8.46 -33.26 10.41
C ASP B 209 9.42 -32.95 9.26
N ALA B 210 8.88 -32.83 8.05
CA ALA B 210 9.73 -32.56 6.89
C ALA B 210 10.33 -31.16 6.95
N TYR B 211 9.55 -30.16 7.40
CA TYR B 211 10.07 -28.82 7.56
C TYR B 211 11.27 -28.80 8.51
N LEU B 212 11.11 -29.39 9.70
CA LEU B 212 12.17 -29.31 10.70
C LEU B 212 13.43 -30.03 10.25
N SER B 213 13.28 -31.13 9.54
CA SER B 213 14.44 -31.88 9.08
C SER B 213 15.20 -31.16 7.97
N ALA B 214 14.60 -30.13 7.36
CA ALA B 214 15.21 -29.42 6.25
C ALA B 214 15.84 -28.10 6.66
N LEU B 215 15.61 -27.61 7.88
CA LEU B 215 16.16 -26.34 8.30
C LEU B 215 17.69 -26.40 8.36
N PRO B 216 18.38 -25.36 7.93
CA PRO B 216 19.82 -25.28 8.20
C PRO B 216 20.09 -25.19 9.69
N ASP B 217 21.28 -25.64 10.08
CA ASP B 217 21.76 -25.42 11.44
C ASP B 217 21.71 -23.93 11.74
N GLY B 218 21.22 -23.58 12.91
CA GLY B 218 21.23 -22.20 13.34
C GLY B 218 19.97 -21.39 13.03
N VAL B 219 19.03 -21.94 12.25
CA VAL B 219 17.78 -21.25 11.96
C VAL B 219 16.72 -21.74 12.93
N ALA B 220 16.19 -20.83 13.73
CA ALA B 220 15.06 -21.17 14.60
C ALA B 220 13.85 -21.55 13.76
N PRO B 221 13.18 -22.66 14.06
CA PRO B 221 11.92 -22.97 13.37
C PRO B 221 10.88 -21.90 13.64
N ARG B 222 10.07 -21.65 12.63
CA ARG B 222 8.91 -20.78 12.72
C ARG B 222 7.76 -21.53 12.09
N ILE B 223 6.76 -21.87 12.90
CA ILE B 223 5.64 -22.69 12.47
C ILE B 223 4.38 -21.99 12.93
N LEU B 224 3.57 -21.52 11.98
CA LEU B 224 2.27 -20.93 12.27
C LEU B 224 1.23 -22.02 12.06
N ALA B 225 0.48 -22.34 13.10
CA ALA B 225 -0.68 -23.23 13.00
C ALA B 225 -1.92 -22.35 13.07
N SER B 226 -2.64 -22.25 11.96
CA SER B 226 -3.83 -21.42 11.90
C SER B 226 -5.04 -22.33 12.04
N ARG B 227 -6.00 -21.93 12.89
CA ARG B 227 -7.15 -22.76 13.20
C ARG B 227 -8.43 -21.93 13.20
N THR B 228 -9.55 -22.61 12.93
CA THR B 228 -10.89 -22.02 13.09
C THR B 228 -11.31 -22.12 14.56
N ALA B 229 -11.65 -21.00 15.18
CA ALA B 229 -12.29 -21.03 16.48
C ALA B 229 -13.33 -19.92 16.55
N PHE B 230 -14.49 -20.25 17.12
CA PHE B 230 -15.48 -19.25 17.47
C PHE B 230 -15.98 -19.56 18.88
N VAL B 231 -15.70 -18.67 19.82
CA VAL B 231 -15.99 -18.91 21.23
C VAL B 231 -17.03 -17.91 21.70
N ALA B 232 -18.05 -18.42 22.38
CA ALA B 232 -19.08 -17.57 22.96
C ALA B 232 -19.29 -17.96 24.41
N ASP B 233 -19.95 -17.08 25.15
CA ASP B 233 -20.23 -17.37 26.55
C ASP B 233 -21.16 -18.57 26.67
N SER B 234 -22.17 -18.65 25.81
CA SER B 234 -23.10 -19.76 25.83
C SER B 234 -22.69 -20.74 24.75
N HIS B 235 -22.48 -22.00 25.13
CA HIS B 235 -22.10 -23.02 24.17
C HIS B 235 -23.17 -23.20 23.09
N ALA B 236 -24.44 -23.13 23.47
CA ALA B 236 -25.52 -23.29 22.49
C ALA B 236 -25.52 -22.15 21.47
N HIS B 237 -25.24 -20.93 21.92
CA HIS B 237 -25.20 -19.78 21.02
C HIS B 237 -24.11 -19.97 19.96
N ALA B 238 -22.90 -20.39 20.39
CA ALA B 238 -21.80 -20.58 19.45
C ALA B 238 -22.14 -21.61 18.38
N LEU B 239 -22.82 -22.70 18.77
CA LEU B 239 -23.22 -23.69 17.76
C LEU B 239 -24.33 -23.15 16.87
N GLN B 240 -25.25 -22.37 17.45
CA GLN B 240 -26.29 -21.73 16.66
C GLN B 240 -25.70 -20.86 15.57
N VAL B 241 -24.75 -20.00 15.94
CA VAL B 241 -24.14 -19.07 15.00
C VAL B 241 -23.43 -19.82 13.88
N ALA B 242 -22.76 -20.93 14.20
CA ALA B 242 -21.87 -21.56 13.24
C ALA B 242 -22.61 -22.41 12.22
N GLU B 243 -23.77 -22.97 12.58
CA GLU B 243 -24.47 -23.93 11.72
C GLU B 243 -24.60 -23.46 10.28
N PRO B 244 -25.03 -22.22 9.99
CA PRO B 244 -25.18 -21.83 8.57
C PRO B 244 -23.85 -21.79 7.84
N GLY B 245 -22.84 -21.10 8.40
CA GLY B 245 -21.55 -21.03 7.73
C GLY B 245 -20.94 -22.39 7.50
N LEU B 246 -21.11 -23.31 8.45
CA LEU B 246 -20.54 -24.65 8.34
C LEU B 246 -21.23 -25.47 7.25
N ARG B 247 -22.55 -25.33 7.12
CA ARG B 247 -23.23 -26.02 6.02
C ARG B 247 -22.73 -25.48 4.68
N LYS B 248 -22.55 -24.17 4.58
CA LYS B 248 -21.99 -23.59 3.36
C LYS B 248 -20.59 -24.13 3.08
N GLN B 249 -19.75 -24.21 4.12
CA GLN B 249 -18.41 -24.74 3.92
C GLN B 249 -18.44 -26.21 3.50
N ALA B 250 -19.40 -26.97 4.01
CA ALA B 250 -19.51 -28.37 3.62
C ALA B 250 -19.89 -28.51 2.16
N ALA B 251 -20.82 -27.67 1.68
CA ALA B 251 -21.23 -27.72 0.29
C ALA B 251 -20.07 -27.42 -0.64
N GLN B 252 -19.25 -26.41 -0.31
CA GLN B 252 -18.10 -26.09 -1.14
C GLN B 252 -17.08 -27.22 -1.15
N HIS B 253 -16.94 -27.92 -0.02
CA HIS B 253 -15.96 -29.00 0.04
C HIS B 253 -16.38 -30.14 -0.88
N ARG B 254 -17.69 -30.44 -0.92
CA ARG B 254 -18.19 -31.52 -1.77
C ARG B 254 -18.11 -31.14 -3.25
N GLU B 255 -18.57 -29.94 -3.61
CA GLU B 255 -18.44 -29.46 -4.97
C GLU B 255 -16.98 -29.39 -5.43
N ALA B 256 -16.04 -29.29 -4.50
CA ALA B 256 -14.62 -29.25 -4.86
C ALA B 256 -14.03 -30.64 -5.08
N GLY B 257 -14.84 -31.70 -4.97
CA GLY B 257 -14.37 -33.05 -5.18
C GLY B 257 -13.91 -33.78 -3.93
N HIS B 258 -14.24 -33.27 -2.74
CA HIS B 258 -13.84 -33.88 -1.48
C HIS B 258 -15.10 -34.27 -0.73
N ARG B 259 -15.22 -35.54 -0.38
CA ARG B 259 -16.41 -36.01 0.32
C ARG B 259 -16.28 -35.81 1.83
N ILE B 260 -17.43 -35.80 2.51
CA ILE B 260 -17.51 -35.65 3.95
C ILE B 260 -18.65 -36.53 4.45
N GLU B 261 -18.36 -37.35 5.46
CA GLU B 261 -19.35 -38.29 5.99
C GLU B 261 -20.26 -37.58 6.99
N GLY B 262 -21.52 -37.37 6.61
CA GLY B 262 -22.53 -36.89 7.54
C GLY B 262 -23.10 -35.54 7.13
N ASP B 263 -24.20 -35.20 7.81
CA ASP B 263 -24.86 -33.93 7.66
C ASP B 263 -24.99 -33.18 8.99
N SER B 264 -24.48 -33.74 10.08
CA SER B 264 -24.69 -33.15 11.39
C SER B 264 -23.63 -32.08 11.68
N VAL B 265 -23.99 -31.16 12.57
CA VAL B 265 -23.05 -30.14 13.01
C VAL B 265 -21.81 -30.79 13.62
N THR B 266 -22.02 -31.75 14.53
CA THR B 266 -20.90 -32.47 15.14
C THR B 266 -20.01 -33.12 14.07
N ASP B 267 -20.63 -33.66 13.02
CA ASP B 267 -19.84 -34.21 11.91
C ASP B 267 -19.06 -33.09 11.21
N TYR B 268 -19.70 -31.94 11.00
CA TYR B 268 -19.03 -30.84 10.31
C TYR B 268 -17.89 -30.28 11.15
N LEU B 269 -18.08 -30.15 12.46
CA LEU B 269 -17.04 -29.58 13.32
C LEU B 269 -15.77 -30.43 13.26
N GLN B 270 -15.92 -31.76 13.25
CA GLN B 270 -14.77 -32.64 13.17
C GLN B 270 -14.11 -32.59 11.80
N GLN B 271 -14.90 -32.74 10.74
CA GLN B 271 -14.35 -32.89 9.40
C GLN B 271 -13.87 -31.57 8.79
N LEU B 272 -14.48 -30.44 9.18
CA LEU B 272 -14.01 -29.13 8.70
C LEU B 272 -13.11 -28.42 9.69
N ASP B 273 -12.76 -29.08 10.80
CA ASP B 273 -11.71 -28.60 11.70
C ASP B 273 -12.11 -27.27 12.36
N ALA B 274 -13.38 -27.16 12.75
CA ALA B 274 -13.91 -25.96 13.37
C ALA B 274 -14.04 -26.16 14.87
N HIS B 275 -13.35 -25.33 15.64
CA HIS B 275 -13.42 -25.37 17.11
C HIS B 275 -14.45 -24.34 17.56
N VAL B 276 -15.66 -24.81 17.86
CA VAL B 276 -16.80 -23.92 18.11
C VAL B 276 -17.44 -24.31 19.44
N GLY B 277 -17.68 -23.33 20.30
CA GLY B 277 -18.40 -23.59 21.53
C GLY B 277 -18.07 -22.56 22.59
N ASP B 278 -18.41 -22.89 23.83
CA ASP B 278 -17.98 -22.08 24.96
C ASP B 278 -16.51 -22.38 25.24
N PRO B 279 -15.87 -21.59 26.11
CA PRO B 279 -14.43 -21.82 26.37
C PRO B 279 -14.08 -23.26 26.77
N GLU B 280 -14.84 -23.86 27.69
CA GLU B 280 -14.52 -25.22 28.11
C GLU B 280 -14.53 -26.19 26.94
N HIS B 281 -15.48 -26.06 26.01
CA HIS B 281 -15.51 -27.02 24.93
C HIS B 281 -14.42 -26.76 23.89
N VAL B 282 -14.07 -25.49 23.67
CA VAL B 282 -13.03 -25.17 22.68
C VAL B 282 -11.65 -25.55 23.21
N ILE B 283 -11.40 -25.36 24.51
CA ILE B 283 -10.14 -25.82 25.11
C ILE B 283 -9.98 -27.32 24.92
N ALA B 284 -11.07 -28.08 25.08
CA ALA B 284 -10.97 -29.54 25.00
C ALA B 284 -10.69 -30.00 23.57
N SER B 285 -11.36 -29.39 22.58
CA SER B 285 -11.11 -29.79 21.20
C SER B 285 -9.70 -29.40 20.76
N LEU B 286 -9.27 -28.17 21.11
CA LEU B 286 -7.92 -27.74 20.77
C LEU B 286 -6.87 -28.66 21.38
N ALA B 287 -7.10 -29.13 22.61
CA ALA B 287 -6.14 -30.00 23.27
C ALA B 287 -5.91 -31.29 22.52
N GLN B 288 -6.86 -31.70 21.69
CA GLN B 288 -6.73 -32.92 20.91
C GLN B 288 -5.86 -32.74 19.68
N ASP B 289 -5.49 -31.51 19.35
CA ASP B 289 -4.69 -31.25 18.15
C ASP B 289 -3.23 -31.09 18.59
N SER B 290 -2.44 -32.13 18.34
CA SER B 290 -1.04 -32.19 18.77
C SER B 290 -0.12 -31.26 17.98
N VAL B 291 -0.58 -30.70 16.85
CA VAL B 291 0.21 -29.70 16.13
C VAL B 291 0.48 -28.50 17.01
N LEU B 292 -0.52 -28.08 17.79
CA LEU B 292 -0.40 -26.82 18.50
C LEU B 292 0.76 -26.81 19.48
N ALA B 293 1.11 -27.98 20.02
CA ALA B 293 2.27 -28.10 20.90
C ALA B 293 3.58 -27.89 20.15
N ARG B 294 3.60 -28.15 18.84
CA ARG B 294 4.83 -28.04 18.06
C ARG B 294 4.99 -26.68 17.41
N ALA B 295 3.91 -25.90 17.32
CA ALA B 295 3.93 -24.64 16.59
C ALA B 295 4.56 -23.54 17.43
N THR B 296 5.23 -22.60 16.77
CA THR B 296 5.73 -21.42 17.48
C THR B 296 4.70 -20.30 17.51
N ASP B 297 3.73 -20.31 16.60
CA ASP B 297 2.67 -19.30 16.52
C ASP B 297 1.35 -20.03 16.27
N ILE B 298 0.31 -19.65 17.02
CA ILE B 298 -1.04 -20.17 16.84
C ILE B 298 -1.95 -18.99 16.55
N SER B 299 -2.73 -19.09 15.48
CA SER B 299 -3.65 -18.03 15.10
C SER B 299 -5.07 -18.59 15.07
N PHE B 300 -6.04 -17.71 15.28
CA PHE B 300 -7.43 -18.11 15.34
C PHE B 300 -8.27 -17.25 14.43
N GLN B 301 -9.11 -17.88 13.62
CA GLN B 301 -10.03 -17.18 12.73
C GLN B 301 -11.44 -17.71 12.91
N VAL B 302 -12.43 -16.82 12.75
CA VAL B 302 -13.82 -17.29 12.83
C VAL B 302 -14.18 -18.11 11.60
N HIS B 303 -13.49 -17.92 10.49
CA HIS B 303 -13.96 -18.42 9.20
C HIS B 303 -14.13 -19.92 9.18
N SER B 304 -15.11 -20.33 8.38
CA SER B 304 -16.16 -21.28 8.68
C SER B 304 -17.35 -20.40 9.05
N VAL B 305 -17.31 -19.89 10.27
CA VAL B 305 -18.41 -19.18 10.89
C VAL B 305 -18.47 -17.75 10.37
N GLU B 306 -19.69 -17.21 10.36
CA GLU B 306 -19.94 -15.79 10.02
C GLU B 306 -20.63 -15.09 11.18
N PRO B 307 -19.92 -14.87 12.29
CA PRO B 307 -20.53 -14.18 13.43
C PRO B 307 -20.73 -12.70 13.14
N SER B 308 -21.50 -12.06 14.02
CA SER B 308 -21.55 -10.61 14.03
C SER B 308 -20.21 -10.04 14.48
N HIS B 309 -20.05 -8.73 14.25
CA HIS B 309 -18.84 -8.03 14.69
C HIS B 309 -18.67 -8.12 16.20
N ARG B 310 -19.75 -7.87 16.96
CA ARG B 310 -19.63 -7.92 18.42
C ARG B 310 -19.36 -9.32 18.94
N ASP B 311 -19.95 -10.34 18.30
CA ASP B 311 -19.64 -11.71 18.69
C ASP B 311 -18.20 -12.06 18.37
N THR B 312 -17.63 -11.45 17.32
CA THR B 312 -16.21 -11.64 17.05
C THR B 312 -15.35 -11.00 18.12
N LEU B 313 -15.69 -9.77 18.53
CA LEU B 313 -14.99 -9.11 19.62
C LEU B 313 -14.99 -9.98 20.88
N ARG B 314 -16.14 -10.56 21.22
CA ARG B 314 -16.24 -11.43 22.38
C ARG B 314 -15.42 -12.69 22.21
N SER B 315 -15.47 -13.31 21.03
CA SER B 315 -14.66 -14.50 20.78
C SER B 315 -13.18 -14.18 20.98
N ILE B 316 -12.73 -13.03 20.45
CA ILE B 316 -11.36 -12.58 20.68
C ILE B 316 -11.06 -12.50 22.17
N GLU B 317 -11.96 -11.89 22.95
CA GLU B 317 -11.72 -11.73 24.38
C GLU B 317 -11.66 -13.07 25.08
N LEU B 318 -12.61 -13.96 24.79
CA LEU B 318 -12.66 -15.25 25.46
C LEU B 318 -11.43 -16.09 25.14
N ILE B 319 -10.94 -16.00 23.89
CA ILE B 319 -9.74 -16.73 23.51
C ILE B 319 -8.55 -16.22 24.30
N ALA B 320 -8.41 -14.90 24.38
CA ALA B 320 -7.31 -14.32 25.15
C ALA B 320 -7.42 -14.66 26.62
N GLN B 321 -8.64 -14.70 27.19
CA GLN B 321 -8.74 -14.92 28.64
C GLN B 321 -8.63 -16.39 29.03
N HIS B 322 -9.40 -17.27 28.37
CA HIS B 322 -9.49 -18.67 28.78
C HIS B 322 -8.70 -19.65 27.91
N ILE B 323 -8.57 -19.40 26.61
CA ILE B 323 -7.82 -20.33 25.75
C ILE B 323 -6.32 -20.13 25.93
N ALA B 324 -5.86 -18.89 25.82
CA ALA B 324 -4.43 -18.60 25.75
C ALA B 324 -3.60 -19.24 26.86
N PRO B 325 -4.03 -19.28 28.13
CA PRO B 325 -3.17 -19.90 29.15
C PRO B 325 -2.86 -21.36 28.88
N HIS B 326 -3.72 -22.08 28.14
CA HIS B 326 -3.42 -23.48 27.86
C HIS B 326 -2.45 -23.68 26.72
N ILE B 327 -2.24 -22.69 25.86
CA ILE B 327 -1.50 -22.91 24.63
C ILE B 327 -0.28 -22.01 24.47
N ARG B 328 -0.11 -20.99 25.30
CA ARG B 328 1.13 -20.21 25.27
C ARG B 328 2.35 -20.93 25.83
#